data_8HK2
#
_entry.id   8HK2
#
loop_
_entity.id
_entity.type
_entity.pdbx_description
1 polymer 'C3a anaphylatoxin chemotactic receptor'
2 polymer 'Guanine nucleotide-binding protein G(i) subunit alpha-1'
3 polymer 'Guanine nucleotide-binding protein G(I)/G(S)/G(T) subunit beta-1'
4 polymer 'C3a anaphylatoxin'
5 polymer 'Guanine nucleotide-binding protein G(I)/G(S)/G(O) subunit gamma-2'
6 polymer scFV16
7 non-polymer CHOLESTEROL
8 non-polymer 'PALMITIC ACID'
#
loop_
_entity_poly.entity_id
_entity_poly.type
_entity_poly.pdbx_seq_one_letter_code
_entity_poly.pdbx_strand_id
1 'polypeptide(L)'
;MASFSAETNSTDLLSQPWNEPPVILSMVILSLTFLLGLPGNGLVLWVAGLKMQRTVNTIWFLHLTLADLLCCLSLPFSLA
HLALQGQWPYGRFLCKLIPSIIVLNMFASVFLLTAISLDRCLVVFKPIWCQNHRNVGMACSICGCIWVVAFVMCIPVFVY
REIFTTDNHNRCGYKFGLSSSLDYPDFYGDPLENRSLENIVQPPGEMNDRLDPSSFQTNDHPWTVPTVFQPQTFQRPSAD
SLPRGSARLTSQNLYSNVFKPADVVSPKIPSGFPIEDHETSPLDNSDAFLSTHLKLFPSASSNSFYESELPQGFQDYYNL
GQFTDDDQVPTPLVAITITRLVVGFLLPSVIMIACYSFIVFRMQRGRFAKSQSKTFRVAVVVVAVFLVCWTPYHIFGVLS
LLTDPETPLGKTLMSWDHVCIALASANSCFNPFLYALLGKDFRKKARQSIQGILEAAFSEELTRSTHCPSNNVISE
;
A
2 'polypeptide(L)'
;GCTLSAEDKAAVERSKMIDRNLREDGEKAAREVKLLLLGAGESGKSTIVKQMKIIHEAGYSEEECKQYKAVVYSNTIQSI
IAIIRAMGRLKIDFGDSARADDARQLFVLAGAAEEGFMTAELAGVIKRLWKDSGVQACFNRSREYQLNDSAAYYLNDLDR
IAQPNYIPTQQDVLRTRVKTTGIVETHFTFKDLHFKMFDVGAQRSERKKWIHCFEGVTAIIFCVALSDYDLVLAEDEEMN
RMHESMKLFDSICNNKWFTDTSIILFLNKKDLFEEKIKKSPLTICYPEYAGSNTYEEAAAYIQCQFEDLNKRKDTKEIYT
HFTCSTDTKNVQFVFDAVTDVIIKNNLKDCGLF
;
B
3 'polypeptide(L)'
;MGSLLQSELDQLRQEAEQLKNQIRDARKACADATLSQITNNIDPVGRIQMRTRRTLRGHLAKIYAMHWGTDSRLLVSASQ
DGKLIIWDSYTTNKVHAIPLRSSWVMTCAYAPSGNYVACGGLDNICSIYNLKTREGNVRVSRELAGHTGYLSCCRFLDDN
QIVTSSGDTTCALWDIETGQQTTTFTGHTGDVMSLSLAPDTRLFVSGACDASAKLWDVREGMCRQTFTGHESDINAICFF
PNGNAFATGSDDATCRLFDLRADQELMTYSHDNIICGITSVSFSKSGRLLLAGYDDFNCNVWDALKADRAGVLAGHDNRV
SCLGVTDDGMAVATGSWDSFLKIWN
;
C
4 'polypeptide(L)' SVQLTEKRMDKVGKYPKELRKCCEDGMRENPMRFSCQRRTRFISLGEACKKVFLDCCNYITELRRQHARASHLGLAR D
5 'polypeptide(L)' ASNNTASIAQARKLVEQLKMEANIDRIKVSKAAADLMAYCEAHAKEDPLLTPVPASENPFREKKFFC G
6 'polypeptide(L)'
;VQLVESGGGLVQPGGSRKLSCSASGFAFSSFGMHWVRQAPEKGLEWVAYISSGSGTIYYADTVKGRFTISRDDPKNTLFL
QMTSLRSEDTAMYYCVRSIYYYGSSPFDFWGQGTTLTVSAGGGGSGGGGSGGGGSADIVMTQATSSVPVTPGESVSISCR
SSKSLLHSNGNTYLYWFLQRPGQSPQLLIYRMSNLASGVPDRFSGSGSGTAFTLTISRLEAEDVGVYYCMQHLEYPLTFG
AGTKLEL
;
H
#
# COMPACT_ATOMS: atom_id res chain seq x y z
N TRP A 18 16.62 -45.81 24.80
CA TRP A 18 17.53 -45.69 23.66
C TRP A 18 18.34 -46.96 23.46
N ASN A 19 18.53 -47.36 22.20
CA ASN A 19 19.14 -48.65 21.91
C ASN A 19 20.42 -48.56 21.08
N GLU A 20 20.66 -47.46 20.37
CA GLU A 20 21.79 -47.41 19.45
C GLU A 20 22.39 -46.01 19.45
N PRO A 21 23.67 -45.88 19.11
CA PRO A 21 24.28 -44.55 18.88
C PRO A 21 23.67 -43.79 17.69
N PRO A 22 23.41 -44.41 16.50
CA PRO A 22 22.82 -43.61 15.41
C PRO A 22 21.44 -43.08 15.76
N VAL A 23 20.62 -43.87 16.43
CA VAL A 23 19.29 -43.44 16.84
C VAL A 23 19.41 -42.26 17.80
N ILE A 24 20.38 -42.32 18.72
CA ILE A 24 20.61 -41.21 19.66
C ILE A 24 21.01 -39.95 18.91
N LEU A 25 21.90 -40.10 17.91
CA LEU A 25 22.37 -38.95 17.13
C LEU A 25 21.21 -38.33 16.37
N SER A 26 20.37 -39.19 15.78
CA SER A 26 19.21 -38.75 15.02
C SER A 26 18.25 -37.98 15.90
N MET A 27 17.97 -38.50 17.11
CA MET A 27 17.06 -37.83 18.02
C MET A 27 17.61 -36.48 18.48
N VAL A 28 18.92 -36.40 18.73
CA VAL A 28 19.54 -35.14 19.13
C VAL A 28 19.42 -34.10 18.01
N ILE A 29 19.66 -34.54 16.76
CA ILE A 29 19.59 -33.62 15.62
C ILE A 29 18.14 -33.20 15.37
N LEU A 30 17.19 -34.13 15.49
CA LEU A 30 15.79 -33.80 15.22
C LEU A 30 15.22 -32.92 16.31
N SER A 31 15.54 -33.20 17.58
CA SER A 31 15.05 -32.37 18.69
C SER A 31 15.59 -30.95 18.58
N LEU A 32 16.92 -30.81 18.34
CA LEU A 32 17.51 -29.49 18.15
C LEU A 32 16.91 -28.79 16.92
N THR A 33 16.59 -29.58 15.89
CA THR A 33 16.04 -29.05 14.65
C THR A 33 14.65 -28.50 14.89
N PHE A 34 13.78 -29.29 15.52
CA PHE A 34 12.40 -28.91 15.81
C PHE A 34 12.35 -27.67 16.71
N LEU A 35 13.17 -27.66 17.76
CA LEU A 35 13.22 -26.55 18.72
C LEU A 35 13.73 -25.27 18.10
N LEU A 36 14.78 -25.34 17.28
CA LEU A 36 15.25 -24.13 16.62
C LEU A 36 14.29 -23.71 15.50
N GLY A 37 13.79 -24.69 14.75
CA GLY A 37 13.01 -24.43 13.54
C GLY A 37 11.69 -23.72 13.77
N LEU A 38 10.92 -24.14 14.78
CA LEU A 38 9.58 -23.53 14.95
C LEU A 38 9.58 -22.04 15.24
N PRO A 39 10.38 -21.47 16.17
CA PRO A 39 10.33 -20.01 16.35
C PRO A 39 10.86 -19.24 15.15
N GLY A 40 11.97 -19.68 14.54
CA GLY A 40 12.52 -18.95 13.41
C GLY A 40 11.60 -18.94 12.20
N ASN A 41 11.05 -20.10 11.84
CA ASN A 41 10.12 -20.19 10.73
C ASN A 41 8.82 -19.44 11.02
N GLY A 42 8.31 -19.56 12.25
CA GLY A 42 7.10 -18.86 12.63
C GLY A 42 7.27 -17.35 12.60
N LEU A 43 8.39 -16.86 13.13
CA LEU A 43 8.67 -15.43 13.15
C LEU A 43 8.85 -14.88 11.74
N VAL A 44 9.59 -15.59 10.88
CA VAL A 44 9.79 -15.14 9.51
C VAL A 44 8.46 -15.12 8.75
N LEU A 45 7.63 -16.16 8.92
CA LEU A 45 6.33 -16.20 8.25
C LEU A 45 5.43 -15.07 8.73
N TRP A 46 5.42 -14.83 10.05
CA TRP A 46 4.63 -13.75 10.65
C TRP A 46 5.04 -12.38 10.10
N VAL A 47 6.33 -12.05 10.20
CA VAL A 47 6.85 -10.76 9.75
C VAL A 47 6.63 -10.55 8.26
N ALA A 48 6.92 -11.57 7.44
CA ALA A 48 6.74 -11.44 6.00
C ALA A 48 5.26 -11.33 5.62
N GLY A 49 4.40 -12.17 6.21
CA GLY A 49 3.00 -12.16 5.86
C GLY A 49 2.25 -10.91 6.28
N LEU A 50 2.51 -10.42 7.49
CA LEU A 50 1.72 -9.31 8.01
C LEU A 50 2.49 -8.03 8.27
N LYS A 51 3.75 -8.10 8.65
CA LYS A 51 4.49 -6.91 9.04
C LYS A 51 5.29 -6.29 7.89
N MET A 52 5.16 -6.81 6.67
CA MET A 52 5.84 -6.24 5.52
C MET A 52 4.91 -6.15 4.33
N GLN A 53 5.19 -5.18 3.46
CA GLN A 53 4.48 -5.07 2.20
C GLN A 53 4.90 -6.20 1.26
N ARG A 54 3.96 -6.62 0.42
CA ARG A 54 4.23 -7.72 -0.50
C ARG A 54 5.14 -7.27 -1.62
N THR A 55 6.27 -7.97 -1.78
CA THR A 55 7.20 -7.78 -2.88
C THR A 55 7.39 -9.13 -3.58
N VAL A 56 8.31 -9.16 -4.54
CA VAL A 56 8.56 -10.41 -5.26
C VAL A 56 9.30 -11.39 -4.37
N ASN A 57 10.32 -10.92 -3.65
CA ASN A 57 11.12 -11.76 -2.76
C ASN A 57 10.28 -12.34 -1.63
N THR A 58 9.36 -11.53 -1.11
CA THR A 58 8.52 -11.91 0.04
C THR A 58 7.68 -13.15 -0.26
N ILE A 59 7.12 -13.23 -1.48
CA ILE A 59 6.36 -14.41 -1.90
C ILE A 59 7.22 -15.67 -1.84
N TRP A 60 8.50 -15.55 -2.23
CA TRP A 60 9.41 -16.69 -2.18
C TRP A 60 9.68 -17.11 -0.75
N PHE A 61 9.96 -16.13 0.11
CA PHE A 61 10.23 -16.43 1.52
C PHE A 61 9.00 -17.01 2.21
N LEU A 62 7.80 -16.51 1.88
CA LEU A 62 6.57 -17.03 2.47
C LEU A 62 6.32 -18.48 2.08
N HIS A 63 6.51 -18.83 0.80
CA HIS A 63 6.32 -20.22 0.40
C HIS A 63 7.38 -21.14 0.98
N LEU A 64 8.64 -20.67 1.02
CA LEU A 64 9.72 -21.47 1.61
C LEU A 64 9.49 -21.72 3.10
N THR A 65 9.06 -20.69 3.84
CA THR A 65 8.75 -20.88 5.26
C THR A 65 7.50 -21.71 5.48
N LEU A 66 6.52 -21.64 4.56
CA LEU A 66 5.38 -22.54 4.65
C LEU A 66 5.82 -24.00 4.55
N ALA A 67 6.69 -24.30 3.59
CA ALA A 67 7.25 -25.64 3.46
C ALA A 67 8.06 -26.03 4.69
N ASP A 68 8.85 -25.10 5.23
CA ASP A 68 9.68 -25.41 6.40
C ASP A 68 8.82 -25.61 7.66
N LEU A 69 7.77 -24.81 7.83
CA LEU A 69 6.83 -25.02 8.92
C LEU A 69 6.15 -26.37 8.83
N LEU A 70 5.74 -26.77 7.61
CA LEU A 70 5.12 -28.08 7.44
C LEU A 70 6.11 -29.19 7.81
N CYS A 71 7.38 -29.04 7.40
CA CYS A 71 8.40 -30.02 7.75
C CYS A 71 8.62 -30.10 9.25
N CYS A 72 8.71 -28.93 9.91
CA CYS A 72 8.92 -28.90 11.37
C CYS A 72 7.72 -29.45 12.13
N LEU A 73 6.51 -29.11 11.70
CA LEU A 73 5.30 -29.65 12.34
C LEU A 73 5.18 -31.15 12.13
N SER A 74 5.72 -31.67 11.03
CA SER A 74 5.70 -33.10 10.79
C SER A 74 6.94 -33.82 11.34
N LEU A 75 7.91 -33.08 11.87
CA LEU A 75 9.01 -33.70 12.61
C LEU A 75 8.62 -34.57 13.82
N PRO A 76 7.64 -34.21 14.68
CA PRO A 76 7.29 -35.14 15.78
C PRO A 76 6.81 -36.51 15.34
N PHE A 77 6.10 -36.61 14.21
CA PHE A 77 5.67 -37.91 13.70
C PHE A 77 6.88 -38.81 13.41
N SER A 78 7.88 -38.26 12.72
CA SER A 78 9.11 -39.00 12.42
C SER A 78 9.89 -39.31 13.70
N LEU A 79 9.96 -38.35 14.63
CA LEU A 79 10.67 -38.55 15.88
C LEU A 79 10.04 -39.66 16.71
N ALA A 80 8.71 -39.66 16.81
CA ALA A 80 8.01 -40.71 17.54
C ALA A 80 8.17 -42.07 16.86
N HIS A 81 8.07 -42.10 15.51
CA HIS A 81 8.24 -43.36 14.79
C HIS A 81 9.66 -43.89 14.93
N LEU A 82 10.64 -43.00 15.13
CA LEU A 82 12.01 -43.42 15.34
C LEU A 82 12.21 -43.90 16.77
N ALA A 83 11.60 -43.21 17.74
CA ALA A 83 11.70 -43.60 19.15
C ALA A 83 11.06 -44.96 19.41
N LEU A 84 9.96 -45.26 18.71
CA LEU A 84 9.27 -46.54 18.88
C LEU A 84 9.99 -47.69 18.21
N GLN A 85 11.08 -47.43 17.47
CA GLN A 85 11.89 -48.41 16.74
C GLN A 85 11.03 -49.16 15.72
N GLY A 86 10.47 -48.38 14.79
CA GLY A 86 9.72 -48.91 13.67
C GLY A 86 8.29 -49.27 13.96
N GLN A 87 7.84 -49.24 15.21
CA GLN A 87 6.47 -49.61 15.55
C GLN A 87 5.47 -48.63 14.94
N TRP A 88 4.48 -49.19 14.25
CA TRP A 88 3.46 -48.39 13.58
C TRP A 88 2.08 -48.84 14.06
N PRO A 89 1.46 -48.09 14.98
CA PRO A 89 0.12 -48.46 15.44
C PRO A 89 -1.00 -47.90 14.58
N TYR A 90 -0.69 -46.98 13.68
CA TYR A 90 -1.69 -46.33 12.86
C TYR A 90 -2.08 -47.20 11.67
N GLY A 91 -3.07 -46.72 10.91
CA GLY A 91 -3.56 -47.46 9.77
C GLY A 91 -2.67 -47.36 8.55
N ARG A 92 -3.06 -48.14 7.54
CA ARG A 92 -2.36 -48.17 6.26
C ARG A 92 -2.42 -46.83 5.54
N PHE A 93 -3.59 -46.19 5.58
CA PHE A 93 -3.78 -44.89 4.95
C PHE A 93 -2.86 -43.84 5.57
N LEU A 94 -2.71 -43.87 6.90
CA LEU A 94 -1.81 -42.92 7.56
C LEU A 94 -0.36 -43.17 7.19
N CYS A 95 -0.08 -44.40 6.80
CA CYS A 95 1.24 -44.73 6.36
C CYS A 95 1.37 -44.66 4.88
N LYS A 96 0.45 -44.00 4.23
CA LYS A 96 0.58 -43.80 2.83
C LYS A 96 0.35 -42.35 2.64
N LEU A 97 0.03 -41.66 3.72
CA LEU A 97 -0.22 -40.24 3.62
C LEU A 97 0.83 -39.39 4.33
N ILE A 98 1.26 -39.77 5.55
CA ILE A 98 2.33 -39.03 6.23
C ILE A 98 3.67 -39.04 5.47
N PRO A 99 4.17 -40.18 4.94
CA PRO A 99 5.41 -40.09 4.12
C PRO A 99 5.26 -39.24 2.87
N SER A 100 4.09 -39.27 2.22
CA SER A 100 3.84 -38.42 1.05
C SER A 100 3.95 -36.96 1.42
N ILE A 101 3.43 -36.58 2.60
CA ILE A 101 3.54 -35.21 3.09
C ILE A 101 5.00 -34.83 3.34
N ILE A 102 5.78 -35.76 3.92
CA ILE A 102 7.20 -35.49 4.19
C ILE A 102 7.98 -35.26 2.91
N VAL A 103 7.77 -36.13 1.91
CA VAL A 103 8.45 -36.04 0.63
C VAL A 103 8.04 -34.79 -0.13
N LEU A 104 6.74 -34.46 -0.08
CA LEU A 104 6.19 -33.31 -0.79
C LEU A 104 6.76 -32.01 -0.23
N ASN A 105 6.76 -31.86 1.09
CA ASN A 105 7.24 -30.62 1.68
C ASN A 105 8.75 -30.46 1.53
N MET A 106 9.52 -31.55 1.68
CA MET A 106 10.97 -31.44 1.52
C MET A 106 11.36 -31.08 0.09
N PHE A 107 10.77 -31.76 -0.89
CA PHE A 107 11.10 -31.48 -2.29
C PHE A 107 10.56 -30.13 -2.73
N ALA A 108 9.43 -29.69 -2.16
CA ALA A 108 8.92 -28.35 -2.44
C ALA A 108 9.90 -27.31 -1.94
N SER A 109 10.49 -27.54 -0.76
CA SER A 109 11.51 -26.63 -0.24
C SER A 109 12.73 -26.58 -1.14
N VAL A 110 13.18 -27.75 -1.63
CA VAL A 110 14.34 -27.81 -2.52
C VAL A 110 14.07 -27.07 -3.83
N PHE A 111 12.86 -27.25 -4.36
CA PHE A 111 12.46 -26.60 -5.61
C PHE A 111 12.39 -25.09 -5.45
N LEU A 112 11.73 -24.63 -4.38
CA LEU A 112 11.71 -23.20 -4.04
C LEU A 112 13.12 -22.60 -3.93
N LEU A 113 14.07 -23.34 -3.33
CA LEU A 113 15.46 -22.86 -3.29
C LEU A 113 16.05 -22.72 -4.69
N THR A 114 15.79 -23.72 -5.55
CA THR A 114 16.27 -23.67 -6.93
C THR A 114 15.68 -22.49 -7.68
N ALA A 115 14.39 -22.22 -7.45
CA ALA A 115 13.72 -21.09 -8.08
C ALA A 115 14.25 -19.76 -7.58
N ILE A 116 14.58 -19.66 -6.29
CA ILE A 116 15.20 -18.44 -5.76
C ILE A 116 16.55 -18.19 -6.43
N SER A 117 17.34 -19.25 -6.59
CA SER A 117 18.63 -19.12 -7.28
C SER A 117 18.44 -18.70 -8.74
N LEU A 118 17.41 -19.25 -9.40
CA LEU A 118 17.11 -18.88 -10.78
C LEU A 118 16.65 -17.43 -10.88
N ASP A 119 15.83 -16.99 -9.92
CA ASP A 119 15.33 -15.62 -9.91
C ASP A 119 16.48 -14.63 -9.74
N ARG A 120 17.42 -14.92 -8.83
CA ARG A 120 18.56 -14.05 -8.61
C ARG A 120 19.45 -13.98 -9.86
N CYS A 121 19.68 -15.13 -10.50
CA CYS A 121 20.47 -15.16 -11.73
C CYS A 121 19.76 -14.41 -12.85
N LEU A 122 18.44 -14.56 -12.95
CA LEU A 122 17.66 -13.87 -13.97
C LEU A 122 17.71 -12.36 -13.77
N VAL A 123 17.65 -11.91 -12.52
CA VAL A 123 17.72 -10.48 -12.20
C VAL A 123 19.08 -9.91 -12.59
N VAL A 124 20.16 -10.60 -12.23
CA VAL A 124 21.50 -10.10 -12.58
C VAL A 124 21.74 -10.17 -14.09
N PHE A 125 21.36 -11.28 -14.72
CA PHE A 125 21.59 -11.47 -16.15
C PHE A 125 20.72 -10.54 -17.00
N LYS A 126 19.41 -10.49 -16.72
CA LYS A 126 18.46 -9.65 -17.44
C LYS A 126 17.78 -8.68 -16.49
N PRO A 127 18.44 -7.56 -16.17
CA PRO A 127 17.81 -6.59 -15.24
C PRO A 127 16.68 -5.79 -15.88
N ILE A 128 16.84 -5.38 -17.14
CA ILE A 128 15.84 -4.57 -17.84
C ILE A 128 14.54 -5.34 -17.98
N TRP A 129 14.62 -6.62 -18.36
CA TRP A 129 13.43 -7.46 -18.50
C TRP A 129 12.74 -7.66 -17.16
N CYS A 130 13.53 -7.88 -16.10
CA CYS A 130 12.98 -8.07 -14.76
C CYS A 130 12.30 -6.82 -14.24
N GLN A 131 12.84 -5.64 -14.54
CA GLN A 131 12.18 -4.45 -14.00
C GLN A 131 10.85 -4.12 -14.70
N ASN A 132 10.47 -4.86 -15.74
CA ASN A 132 9.22 -4.59 -16.44
C ASN A 132 8.30 -5.79 -16.53
N HIS A 133 8.79 -7.01 -16.37
CA HIS A 133 7.97 -8.20 -16.55
C HIS A 133 8.07 -9.17 -15.37
N ARG A 134 8.61 -8.72 -14.24
CA ARG A 134 8.74 -9.53 -13.03
C ARG A 134 7.99 -8.82 -11.90
N ASN A 135 6.90 -9.43 -11.45
CA ASN A 135 6.04 -8.84 -10.43
C ASN A 135 5.56 -9.93 -9.49
N VAL A 136 4.63 -9.56 -8.61
CA VAL A 136 4.14 -10.48 -7.58
C VAL A 136 3.33 -11.61 -8.21
N GLY A 137 2.54 -11.30 -9.25
CA GLY A 137 1.72 -12.30 -9.91
C GLY A 137 2.52 -13.42 -10.54
N MET A 138 3.63 -13.07 -11.21
CA MET A 138 4.48 -14.07 -11.84
C MET A 138 5.10 -14.98 -10.78
N ALA A 139 5.53 -14.38 -9.65
CA ALA A 139 6.13 -15.14 -8.56
C ALA A 139 5.13 -16.11 -7.97
N CYS A 140 3.89 -15.67 -7.77
CA CYS A 140 2.84 -16.55 -7.23
C CYS A 140 2.54 -17.68 -8.20
N SER A 141 2.49 -17.38 -9.49
CA SER A 141 2.20 -18.40 -10.51
C SER A 141 3.31 -19.45 -10.53
N ILE A 142 4.57 -19.01 -10.48
CA ILE A 142 5.71 -19.93 -10.50
C ILE A 142 5.69 -20.78 -9.24
N CYS A 143 5.37 -20.19 -8.08
CA CYS A 143 5.33 -20.94 -6.82
C CYS A 143 4.25 -22.01 -6.88
N GLY A 144 3.08 -21.65 -7.43
CA GLY A 144 1.99 -22.62 -7.56
C GLY A 144 2.42 -23.79 -8.44
N CYS A 145 3.11 -23.48 -9.54
CA CYS A 145 3.61 -24.54 -10.42
C CYS A 145 4.62 -25.41 -9.69
N ILE A 146 5.46 -24.80 -8.84
CA ILE A 146 6.46 -25.52 -8.07
C ILE A 146 5.77 -26.51 -7.14
N TRP A 147 4.68 -26.07 -6.49
CA TRP A 147 3.93 -26.95 -5.59
C TRP A 147 3.33 -28.12 -6.38
N VAL A 148 2.81 -27.84 -7.58
CA VAL A 148 2.25 -28.89 -8.43
C VAL A 148 3.32 -29.91 -8.80
N VAL A 149 4.53 -29.44 -9.14
CA VAL A 149 5.65 -30.33 -9.46
C VAL A 149 6.04 -31.15 -8.24
N ALA A 150 6.02 -30.53 -7.06
CA ALA A 150 6.33 -31.20 -5.80
C ALA A 150 5.33 -32.31 -5.52
N PHE A 151 4.05 -32.05 -5.82
CA PHE A 151 3.00 -33.05 -5.63
C PHE A 151 3.21 -34.22 -6.58
N VAL A 152 3.26 -33.93 -7.89
CA VAL A 152 3.44 -34.95 -8.94
C VAL A 152 4.66 -35.82 -8.66
N MET A 153 5.73 -35.20 -8.16
CA MET A 153 6.96 -35.93 -7.86
C MET A 153 6.78 -36.96 -6.74
N CYS A 154 5.93 -36.69 -5.75
CA CYS A 154 5.80 -37.66 -4.67
C CYS A 154 4.67 -38.67 -4.87
N ILE A 155 4.06 -38.72 -6.04
CA ILE A 155 2.99 -39.67 -6.39
C ILE A 155 3.41 -41.12 -6.07
N PRO A 156 4.55 -41.67 -6.58
CA PRO A 156 4.94 -43.06 -6.22
C PRO A 156 4.99 -43.40 -4.73
N VAL A 157 5.32 -42.44 -3.88
CA VAL A 157 5.37 -42.67 -2.43
C VAL A 157 4.00 -43.06 -1.90
N PHE A 158 2.94 -42.50 -2.48
CA PHE A 158 1.60 -42.93 -2.12
C PHE A 158 1.29 -44.30 -2.72
N VAL A 159 1.35 -44.38 -4.05
CA VAL A 159 0.97 -45.54 -4.88
C VAL A 159 1.67 -46.85 -4.51
N TYR A 160 2.84 -46.78 -3.89
CA TYR A 160 3.61 -48.00 -3.65
C TYR A 160 3.98 -48.28 -2.20
N ARG A 161 3.59 -47.43 -1.25
CA ARG A 161 3.87 -47.73 0.15
C ARG A 161 2.83 -48.71 0.68
N GLU A 162 3.28 -49.71 1.44
CA GLU A 162 2.40 -50.77 1.89
C GLU A 162 2.66 -51.06 3.36
N ILE A 163 1.73 -51.75 4.04
CA ILE A 163 1.91 -52.08 5.46
C ILE A 163 2.34 -53.50 5.58
N PHE A 164 3.45 -53.72 6.25
CA PHE A 164 3.99 -55.03 6.30
C PHE A 164 3.67 -55.44 7.70
N THR A 165 2.96 -56.54 7.86
CA THR A 165 2.53 -56.98 9.14
C THR A 165 3.25 -58.20 9.53
N THR A 166 4.19 -58.12 10.46
CA THR A 166 5.02 -59.26 10.85
C THR A 166 4.60 -60.14 12.04
N ASP A 167 3.36 -60.63 11.97
CA ASP A 167 2.73 -61.40 13.03
C ASP A 167 2.53 -60.51 14.17
N ASN A 168 3.44 -60.55 15.12
CA ASN A 168 3.27 -59.77 16.32
C ASN A 168 3.08 -58.28 16.06
N HIS A 169 3.85 -57.68 15.14
CA HIS A 169 3.77 -56.22 14.96
C HIS A 169 3.61 -55.69 13.54
N ASN A 170 3.40 -54.39 13.41
CA ASN A 170 3.24 -53.79 12.10
C ASN A 170 4.35 -52.79 11.79
N ARG A 171 4.81 -52.65 10.53
CA ARG A 171 5.80 -51.63 10.18
C ARG A 171 5.59 -51.12 8.76
N CYS A 172 5.80 -49.83 8.44
CA CYS A 172 5.47 -49.32 7.09
C CYS A 172 6.59 -49.20 6.14
N GLY A 173 6.52 -49.94 5.05
CA GLY A 173 7.57 -49.95 4.09
C GLY A 173 7.24 -50.39 2.70
N TYR A 174 8.19 -50.40 1.81
CA TYR A 174 8.02 -50.77 0.41
C TYR A 174 8.17 -52.28 0.26
N LYS A 175 7.88 -52.76 -0.94
CA LYS A 175 8.02 -54.19 -1.22
C LYS A 175 9.35 -54.45 -1.93
N VAL A 329 5.25 -58.44 -11.79
CA VAL A 329 6.19 -57.32 -11.71
C VAL A 329 6.30 -56.78 -10.27
N PRO A 330 7.52 -56.75 -9.75
CA PRO A 330 7.73 -56.19 -8.41
C PRO A 330 7.72 -54.67 -8.47
N THR A 331 7.66 -54.06 -7.28
CA THR A 331 7.67 -52.61 -7.21
C THR A 331 9.03 -52.06 -7.66
N PRO A 332 9.06 -51.05 -8.50
CA PRO A 332 10.34 -50.45 -8.85
C PRO A 332 10.75 -49.41 -7.82
N LEU A 333 11.71 -49.73 -6.97
CA LEU A 333 12.20 -48.76 -6.00
C LEU A 333 13.45 -48.07 -6.51
N VAL A 334 14.25 -48.80 -7.30
CA VAL A 334 15.47 -48.28 -7.88
C VAL A 334 15.13 -47.12 -8.81
N ALA A 335 14.05 -47.28 -9.59
CA ALA A 335 13.59 -46.23 -10.49
C ALA A 335 13.14 -44.99 -9.72
N ILE A 336 12.42 -45.18 -8.61
CA ILE A 336 11.93 -44.06 -7.81
C ILE A 336 13.11 -43.30 -7.22
N THR A 337 14.10 -44.02 -6.70
CA THR A 337 15.27 -43.37 -6.11
C THR A 337 16.08 -42.63 -7.17
N ILE A 338 16.32 -43.27 -8.33
CA ILE A 338 17.11 -42.62 -9.38
C ILE A 338 16.40 -41.36 -9.91
N THR A 339 15.08 -41.42 -10.14
CA THR A 339 14.36 -40.23 -10.60
C THR A 339 14.38 -39.16 -9.52
N ARG A 340 14.29 -39.58 -8.24
CA ARG A 340 14.35 -38.68 -7.11
C ARG A 340 15.69 -37.98 -7.05
N LEU A 341 16.77 -38.72 -7.32
CA LEU A 341 18.12 -38.15 -7.34
C LEU A 341 18.30 -37.17 -8.49
N VAL A 342 17.85 -37.54 -9.68
CA VAL A 342 18.03 -36.69 -10.86
C VAL A 342 17.19 -35.43 -10.76
N VAL A 343 15.96 -35.52 -10.26
CA VAL A 343 15.12 -34.34 -10.21
C VAL A 343 15.45 -33.48 -8.98
N GLY A 344 15.60 -34.10 -7.80
CA GLY A 344 15.77 -33.36 -6.57
C GLY A 344 17.18 -33.03 -6.14
N PHE A 345 18.23 -33.64 -6.70
CA PHE A 345 19.58 -33.36 -6.26
C PHE A 345 20.48 -32.88 -7.39
N LEU A 346 20.56 -33.61 -8.51
CA LEU A 346 21.50 -33.25 -9.57
C LEU A 346 21.08 -31.94 -10.23
N LEU A 347 19.80 -31.80 -10.59
CA LEU A 347 19.35 -30.57 -11.23
C LEU A 347 19.44 -29.37 -10.28
N PRO A 348 18.98 -29.43 -9.00
CA PRO A 348 19.11 -28.25 -8.14
C PRO A 348 20.55 -27.85 -7.84
N SER A 349 21.43 -28.81 -7.55
CA SER A 349 22.82 -28.47 -7.26
C SER A 349 23.51 -27.84 -8.45
N VAL A 350 23.30 -28.39 -9.66
CA VAL A 350 23.92 -27.81 -10.86
C VAL A 350 23.39 -26.42 -11.12
N ILE A 351 22.06 -26.23 -11.00
CA ILE A 351 21.45 -24.93 -11.23
C ILE A 351 21.95 -23.91 -10.19
N MET A 352 21.98 -24.28 -8.91
CA MET A 352 22.42 -23.37 -7.86
C MET A 352 23.89 -22.98 -8.02
N ILE A 353 24.76 -23.95 -8.30
CA ILE A 353 26.18 -23.66 -8.46
C ILE A 353 26.40 -22.77 -9.68
N ALA A 354 25.71 -23.06 -10.78
CA ALA A 354 25.88 -22.30 -12.02
C ALA A 354 25.38 -20.86 -11.85
N CYS A 355 24.23 -20.69 -11.19
CA CYS A 355 23.63 -19.38 -11.01
C CYS A 355 24.45 -18.53 -10.05
N TYR A 356 24.78 -19.06 -8.86
CA TYR A 356 25.55 -18.28 -7.90
C TYR A 356 26.95 -17.98 -8.43
N SER A 357 27.55 -18.93 -9.16
CA SER A 357 28.86 -18.71 -9.76
C SER A 357 28.79 -17.57 -10.77
N PHE A 358 27.72 -17.55 -11.57
CA PHE A 358 27.53 -16.49 -12.56
C PHE A 358 27.36 -15.14 -11.88
N ILE A 359 26.61 -15.11 -10.77
CA ILE A 359 26.40 -13.85 -10.04
C ILE A 359 27.73 -13.31 -9.52
N VAL A 360 28.56 -14.19 -8.94
CA VAL A 360 29.85 -13.80 -8.39
C VAL A 360 30.77 -13.31 -9.50
N PHE A 361 30.78 -14.03 -10.63
CA PHE A 361 31.62 -13.69 -11.77
C PHE A 361 31.22 -12.35 -12.37
N ARG A 362 29.90 -12.12 -12.54
CA ARG A 362 29.45 -10.86 -13.13
C ARG A 362 29.75 -9.70 -12.19
N MET A 363 29.53 -9.89 -10.89
CA MET A 363 29.76 -8.83 -9.90
C MET A 363 31.23 -8.43 -9.84
N GLN A 364 32.14 -9.39 -10.02
CA GLN A 364 33.55 -9.04 -9.89
C GLN A 364 34.18 -8.55 -11.19
N ARG A 365 33.59 -8.88 -12.34
CA ARG A 365 34.14 -8.47 -13.64
C ARG A 365 33.11 -7.63 -14.40
N GLY A 366 33.16 -6.32 -14.19
CA GLY A 366 32.31 -5.40 -14.93
C GLY A 366 33.03 -4.09 -15.21
N ARG A 367 32.29 -3.05 -15.60
CA ARG A 367 32.92 -1.73 -15.77
C ARG A 367 32.91 -0.93 -14.48
N PHE A 368 31.99 -1.24 -13.56
CA PHE A 368 31.91 -0.59 -12.27
C PHE A 368 31.96 -1.62 -11.16
N ALA A 369 32.91 -2.56 -11.29
CA ALA A 369 33.06 -3.61 -10.29
C ALA A 369 33.63 -3.05 -8.99
N LYS A 370 33.10 -3.51 -7.87
CA LYS A 370 33.48 -3.05 -6.55
C LYS A 370 34.32 -4.13 -5.87
N SER A 371 35.38 -3.70 -5.18
CA SER A 371 36.25 -4.64 -4.45
C SER A 371 35.54 -5.02 -3.16
N GLN A 372 34.80 -6.13 -3.21
CA GLN A 372 34.05 -6.62 -2.07
C GLN A 372 33.89 -8.13 -2.21
N SER A 373 33.60 -8.78 -1.08
CA SER A 373 33.55 -10.23 -1.04
C SER A 373 32.32 -10.74 -0.30
N LYS A 374 31.27 -9.93 -0.19
CA LYS A 374 30.07 -10.38 0.52
C LYS A 374 29.27 -11.38 -0.31
N THR A 375 29.11 -11.09 -1.61
CA THR A 375 28.34 -11.98 -2.49
C THR A 375 28.98 -13.36 -2.60
N PHE A 376 30.32 -13.42 -2.64
CA PHE A 376 31.01 -14.69 -2.73
C PHE A 376 30.84 -15.50 -1.45
N ARG A 377 30.95 -14.83 -0.30
CA ARG A 377 30.80 -15.50 0.99
C ARG A 377 29.39 -16.04 1.18
N VAL A 378 28.38 -15.24 0.83
CA VAL A 378 26.99 -15.69 0.97
C VAL A 378 26.67 -16.83 0.01
N ALA A 379 27.17 -16.75 -1.24
CA ALA A 379 26.93 -17.81 -2.21
C ALA A 379 27.58 -19.12 -1.79
N VAL A 380 28.83 -19.05 -1.30
CA VAL A 380 29.55 -20.25 -0.85
C VAL A 380 28.87 -20.86 0.36
N VAL A 381 28.41 -20.03 1.31
CA VAL A 381 27.72 -20.55 2.49
C VAL A 381 26.40 -21.23 2.13
N VAL A 382 25.61 -20.61 1.24
CA VAL A 382 24.31 -21.16 0.85
C VAL A 382 24.47 -22.49 0.11
N VAL A 383 25.40 -22.53 -0.86
CA VAL A 383 25.62 -23.75 -1.63
C VAL A 383 26.23 -24.84 -0.75
N ALA A 384 27.15 -24.49 0.14
CA ALA A 384 27.79 -25.46 1.01
C ALA A 384 26.80 -26.08 1.99
N VAL A 385 25.92 -25.26 2.59
CA VAL A 385 24.93 -25.79 3.51
C VAL A 385 23.94 -26.71 2.79
N PHE A 386 23.52 -26.33 1.58
CA PHE A 386 22.60 -27.18 0.82
C PHE A 386 23.23 -28.52 0.45
N LEU A 387 24.48 -28.49 -0.03
CA LEU A 387 25.17 -29.72 -0.41
C LEU A 387 25.46 -30.61 0.79
N VAL A 388 25.92 -30.03 1.91
CA VAL A 388 26.24 -30.79 3.12
C VAL A 388 24.97 -31.45 3.67
N CYS A 389 23.85 -30.74 3.63
CA CYS A 389 22.62 -31.31 4.15
C CYS A 389 22.07 -32.41 3.23
N TRP A 390 21.69 -32.06 2.00
CA TRP A 390 21.04 -33.02 1.11
C TRP A 390 21.93 -34.14 0.55
N THR A 391 23.25 -33.96 0.40
CA THR A 391 24.07 -34.98 -0.26
C THR A 391 24.14 -36.36 0.45
N PRO A 392 24.29 -36.48 1.80
CA PRO A 392 24.35 -37.83 2.41
C PRO A 392 23.07 -38.63 2.22
N TYR A 393 21.91 -37.97 2.28
CA TYR A 393 20.62 -38.65 2.13
C TYR A 393 20.53 -39.35 0.78
N HIS A 394 20.91 -38.65 -0.29
CA HIS A 394 20.85 -39.23 -1.63
C HIS A 394 21.90 -40.33 -1.80
N ILE A 395 23.13 -40.10 -1.29
CA ILE A 395 24.20 -41.09 -1.43
C ILE A 395 23.84 -42.38 -0.71
N PHE A 396 23.34 -42.27 0.53
CA PHE A 396 22.94 -43.45 1.30
C PHE A 396 21.76 -44.15 0.65
N GLY A 397 20.79 -43.37 0.15
CA GLY A 397 19.61 -43.97 -0.45
C GLY A 397 19.96 -44.82 -1.65
N VAL A 398 20.85 -44.30 -2.51
CA VAL A 398 21.27 -45.09 -3.67
C VAL A 398 22.10 -46.31 -3.21
N LEU A 399 22.98 -46.10 -2.22
CA LEU A 399 23.86 -47.17 -1.74
C LEU A 399 23.07 -48.32 -1.13
N SER A 400 22.05 -48.02 -0.31
CA SER A 400 21.29 -49.07 0.37
C SER A 400 20.61 -49.97 -0.65
N LEU A 401 20.05 -49.36 -1.70
CA LEU A 401 19.42 -50.14 -2.76
C LEU A 401 20.44 -51.00 -3.48
N LEU A 402 21.67 -50.49 -3.61
CA LEU A 402 22.74 -51.28 -4.23
C LEU A 402 23.52 -52.10 -3.19
N THR A 403 22.86 -52.55 -2.13
CA THR A 403 23.47 -53.34 -1.08
C THR A 403 22.46 -54.37 -0.59
N ASP A 404 22.93 -55.59 -0.34
CA ASP A 404 22.08 -56.66 0.17
C ASP A 404 21.83 -56.46 1.66
N PRO A 405 20.56 -56.32 2.11
CA PRO A 405 20.27 -56.02 3.53
C PRO A 405 20.33 -57.22 4.47
N GLU A 406 21.45 -57.92 4.42
CA GLU A 406 21.68 -59.03 5.30
C GLU A 406 23.04 -58.81 5.89
N THR A 407 24.02 -58.42 5.06
CA THR A 407 25.37 -58.16 5.54
C THR A 407 25.34 -57.14 6.67
N PRO A 408 26.42 -57.04 7.46
CA PRO A 408 26.54 -55.89 8.38
C PRO A 408 26.55 -54.54 7.69
N LEU A 409 27.06 -54.47 6.45
CA LEU A 409 27.09 -53.20 5.71
C LEU A 409 25.69 -52.66 5.46
N GLY A 410 24.76 -53.54 5.05
CA GLY A 410 23.38 -53.12 4.85
C GLY A 410 22.72 -52.64 6.13
N LYS A 411 23.05 -53.29 7.24
CA LYS A 411 22.47 -52.94 8.54
C LYS A 411 22.96 -51.56 8.97
N THR A 412 24.28 -51.34 8.90
CA THR A 412 24.85 -50.04 9.25
C THR A 412 24.30 -48.93 8.35
N LEU A 413 24.13 -49.21 7.04
CA LEU A 413 23.55 -48.22 6.15
C LEU A 413 22.12 -47.88 6.53
N MET A 414 21.33 -48.89 6.91
CA MET A 414 19.95 -48.64 7.33
C MET A 414 19.89 -47.83 8.61
N SER A 415 20.74 -48.16 9.58
CA SER A 415 20.75 -47.40 10.85
C SER A 415 21.21 -45.95 10.66
N TRP A 416 22.27 -45.73 9.87
CA TRP A 416 22.74 -44.37 9.59
C TRP A 416 21.80 -43.56 8.69
N ASP A 417 20.92 -44.23 7.95
CA ASP A 417 19.94 -43.53 7.12
C ASP A 417 19.05 -42.60 7.94
N HIS A 418 18.70 -43.00 9.17
CA HIS A 418 17.95 -42.12 10.07
C HIS A 418 18.70 -40.83 10.38
N VAL A 419 20.02 -40.92 10.58
CA VAL A 419 20.87 -39.74 10.77
C VAL A 419 20.81 -38.87 9.53
N CYS A 420 20.79 -39.49 8.34
CA CYS A 420 20.64 -38.73 7.10
C CYS A 420 19.30 -38.01 7.03
N ILE A 421 18.22 -38.65 7.50
CA ILE A 421 16.90 -38.00 7.51
C ILE A 421 16.92 -36.77 8.42
N ALA A 422 17.56 -36.91 9.59
CA ALA A 422 17.70 -35.78 10.50
C ALA A 422 18.53 -34.64 9.88
N LEU A 423 19.61 -35.01 9.18
CA LEU A 423 20.44 -34.03 8.49
C LEU A 423 19.67 -33.31 7.40
N ALA A 424 18.80 -34.03 6.68
CA ALA A 424 17.95 -33.39 5.68
C ALA A 424 16.99 -32.40 6.31
N SER A 425 16.39 -32.77 7.45
CA SER A 425 15.54 -31.86 8.22
C SER A 425 16.28 -30.61 8.69
N ALA A 426 17.60 -30.74 8.93
CA ALA A 426 18.40 -29.61 9.39
C ALA A 426 18.40 -28.46 8.39
N ASN A 427 18.42 -28.76 7.09
CA ASN A 427 18.36 -27.70 6.08
C ASN A 427 17.06 -26.91 6.17
N SER A 428 15.95 -27.61 6.42
CA SER A 428 14.66 -26.96 6.61
C SER A 428 14.69 -26.04 7.81
N CYS A 429 15.36 -26.48 8.88
CA CYS A 429 15.55 -25.60 10.03
C CYS A 429 16.45 -24.41 9.71
N PHE A 430 17.47 -24.61 8.89
CA PHE A 430 18.46 -23.56 8.62
C PHE A 430 18.00 -22.51 7.63
N ASN A 431 17.06 -22.84 6.74
CA ASN A 431 16.62 -21.94 5.67
C ASN A 431 16.19 -20.52 6.05
N PRO A 432 15.45 -20.24 7.15
CA PRO A 432 15.14 -18.82 7.44
C PRO A 432 16.36 -17.96 7.75
N PHE A 433 17.32 -18.49 8.51
CA PHE A 433 18.54 -17.76 8.83
C PHE A 433 19.37 -17.53 7.57
N LEU A 434 19.44 -18.54 6.70
CA LEU A 434 20.21 -18.43 5.46
C LEU A 434 19.59 -17.41 4.50
N TYR A 435 18.26 -17.41 4.37
CA TYR A 435 17.64 -16.67 3.27
C TYR A 435 16.99 -15.36 3.71
N ALA A 436 16.10 -15.39 4.70
CA ALA A 436 15.32 -14.20 4.98
C ALA A 436 16.09 -13.19 5.82
N LEU A 437 16.86 -13.66 6.79
CA LEU A 437 17.53 -12.77 7.73
C LEU A 437 18.79 -12.13 7.19
N LEU A 438 19.21 -12.41 5.96
CA LEU A 438 20.36 -11.71 5.41
C LEU A 438 19.99 -10.38 4.77
N GLY A 439 18.70 -10.00 4.77
CA GLY A 439 18.26 -8.72 4.24
C GLY A 439 18.09 -7.72 5.37
N LYS A 440 18.65 -6.53 5.18
CA LYS A 440 18.62 -5.49 6.21
C LYS A 440 17.19 -5.06 6.53
N ASP A 441 16.35 -4.92 5.50
CA ASP A 441 14.96 -4.50 5.69
C ASP A 441 14.21 -5.53 6.54
N PHE A 442 14.42 -6.81 6.25
CA PHE A 442 13.77 -7.88 6.99
C PHE A 442 14.24 -7.89 8.44
N ARG A 443 15.55 -7.67 8.65
CA ARG A 443 16.10 -7.65 10.00
C ARG A 443 15.47 -6.51 10.79
N LYS A 444 15.36 -5.33 10.16
CA LYS A 444 14.75 -4.14 10.74
C LYS A 444 13.34 -4.47 11.23
N LYS A 445 12.49 -4.94 10.30
CA LYS A 445 11.11 -5.30 10.60
C LYS A 445 11.02 -6.34 11.71
N ALA A 446 11.80 -7.43 11.59
CA ALA A 446 11.78 -8.51 12.57
C ALA A 446 12.19 -8.03 13.95
N ARG A 447 13.23 -7.19 14.02
CA ARG A 447 13.71 -6.65 15.29
C ARG A 447 12.65 -5.75 15.90
N GLN A 448 12.00 -4.92 15.08
CA GLN A 448 10.97 -4.01 15.57
C GLN A 448 9.79 -4.79 16.12
N SER A 449 9.35 -5.83 15.40
CA SER A 449 8.22 -6.65 15.86
C SER A 449 8.56 -7.38 17.16
N ILE A 450 9.78 -7.90 17.27
CA ILE A 450 10.22 -8.56 18.50
C ILE A 450 10.27 -7.56 19.65
N GLN A 451 10.75 -6.34 19.37
CA GLN A 451 10.82 -5.28 20.37
C GLN A 451 9.43 -4.93 20.90
N GLY A 452 8.44 -4.86 20.00
CA GLY A 452 7.08 -4.53 20.41
C GLY A 452 6.51 -5.54 21.38
N ILE A 453 6.75 -6.83 21.12
CA ILE A 453 6.27 -7.91 21.99
C ILE A 453 6.90 -7.80 23.37
N LEU A 454 8.20 -7.50 23.42
CA LEU A 454 8.91 -7.35 24.68
C LEU A 454 8.84 -5.91 25.18
N THR B 3 -25.01 -9.26 5.84
CA THR B 3 -25.86 -8.40 6.64
C THR B 3 -25.66 -6.94 6.28
N LEU B 4 -25.73 -6.64 4.98
CA LEU B 4 -25.54 -5.29 4.49
C LEU B 4 -26.48 -5.04 3.32
N SER B 5 -26.70 -3.75 3.05
CA SER B 5 -27.66 -3.33 2.03
C SER B 5 -27.15 -3.58 0.62
N ALA B 6 -28.07 -3.48 -0.35
CA ALA B 6 -27.70 -3.62 -1.75
C ALA B 6 -26.75 -2.51 -2.18
N GLU B 7 -27.03 -1.27 -1.75
CA GLU B 7 -26.16 -0.15 -2.06
C GLU B 7 -24.80 -0.35 -1.41
N ASP B 8 -24.79 -0.87 -0.17
CA ASP B 8 -23.54 -1.09 0.55
C ASP B 8 -22.68 -2.10 -0.21
N LYS B 9 -23.32 -3.15 -0.76
CA LYS B 9 -22.61 -4.16 -1.54
C LYS B 9 -22.00 -3.51 -2.77
N ALA B 10 -22.83 -2.82 -3.56
CA ALA B 10 -22.39 -2.12 -4.76
C ALA B 10 -21.19 -1.20 -4.46
N ALA B 11 -21.26 -0.47 -3.33
CA ALA B 11 -20.16 0.37 -2.86
C ALA B 11 -18.90 -0.44 -2.62
N VAL B 12 -19.03 -1.62 -2.01
CA VAL B 12 -17.88 -2.50 -1.78
C VAL B 12 -17.28 -2.95 -3.11
N GLU B 13 -18.15 -3.25 -4.08
CA GLU B 13 -17.69 -3.64 -5.42
C GLU B 13 -16.93 -2.49 -6.10
N ARG B 14 -17.43 -1.27 -5.93
CA ARG B 14 -16.75 -0.08 -6.44
C ARG B 14 -15.38 0.08 -5.79
N SER B 15 -15.30 -0.17 -4.48
CA SER B 15 -14.02 -0.10 -3.76
C SER B 15 -13.04 -1.16 -4.28
N LYS B 16 -13.55 -2.36 -4.56
CA LYS B 16 -12.69 -3.42 -5.13
C LYS B 16 -12.15 -3.02 -6.50
N MET B 17 -13.01 -2.41 -7.34
CA MET B 17 -12.54 -1.94 -8.65
C MET B 17 -11.49 -0.85 -8.52
N ILE B 18 -11.69 0.07 -7.57
CA ILE B 18 -10.70 1.11 -7.31
C ILE B 18 -9.38 0.50 -6.82
N ASP B 19 -9.47 -0.54 -5.97
CA ASP B 19 -8.28 -1.26 -5.50
C ASP B 19 -7.55 -1.91 -6.65
N ARG B 20 -8.27 -2.31 -7.67
CA ARG B 20 -7.65 -2.94 -8.80
C ARG B 20 -6.93 -1.91 -9.51
N ASN B 21 -7.62 -0.94 -10.01
CA ASN B 21 -6.98 0.20 -10.69
C ASN B 21 -5.75 0.71 -9.94
N LEU B 22 -5.82 0.80 -8.60
CA LEU B 22 -4.66 1.23 -7.80
C LEU B 22 -3.50 0.27 -7.91
N ARG B 23 -3.78 -1.04 -7.87
CA ARG B 23 -2.71 -2.03 -8.02
C ARG B 23 -2.07 -1.96 -9.40
N GLU B 24 -2.89 -1.84 -10.44
CA GLU B 24 -2.37 -1.74 -11.81
C GLU B 24 -1.52 -0.48 -11.99
N ASP B 25 -1.98 0.65 -11.46
CA ASP B 25 -1.23 1.90 -11.57
C ASP B 25 0.05 1.86 -10.74
N GLY B 26 0.01 1.20 -9.58
CA GLY B 26 1.23 1.02 -8.80
C GLY B 26 2.26 0.15 -9.49
N GLU B 27 1.80 -0.92 -10.15
CA GLU B 27 2.70 -1.74 -10.95
C GLU B 27 3.29 -0.96 -12.12
N LYS B 28 2.46 -0.12 -12.76
CA LYS B 28 2.94 0.74 -13.85
C LYS B 28 3.97 1.75 -13.35
N ALA B 29 3.77 2.30 -12.16
CA ALA B 29 4.72 3.25 -11.60
C ALA B 29 6.01 2.58 -11.14
N ALA B 30 5.90 1.34 -10.63
CA ALA B 30 7.08 0.64 -10.12
C ALA B 30 8.05 0.23 -11.22
N ARG B 31 7.57 0.01 -12.43
CA ARG B 31 8.46 -0.43 -13.50
C ARG B 31 9.33 0.68 -14.05
N GLU B 32 9.02 1.93 -13.73
CA GLU B 32 9.79 3.08 -14.18
C GLU B 32 10.93 3.35 -13.19
N VAL B 33 12.03 3.87 -13.71
CA VAL B 33 13.19 4.21 -12.88
C VAL B 33 13.23 5.72 -12.72
N LYS B 34 13.39 6.19 -11.49
CA LYS B 34 13.33 7.62 -11.17
C LYS B 34 14.72 8.21 -10.99
N LEU B 35 14.94 9.37 -11.61
CA LEU B 35 16.20 10.08 -11.59
C LEU B 35 15.93 11.54 -11.24
N LEU B 36 16.50 12.00 -10.13
CA LEU B 36 16.52 13.41 -9.75
C LEU B 36 17.73 14.10 -10.38
N LEU B 37 17.65 15.42 -10.53
CA LEU B 37 18.74 16.24 -11.04
C LEU B 37 19.04 17.39 -10.09
N LEU B 38 20.33 17.66 -9.90
CA LEU B 38 20.81 18.70 -8.99
C LEU B 38 22.04 19.35 -9.60
N GLY B 39 21.92 20.61 -9.99
CA GLY B 39 23.04 21.38 -10.50
C GLY B 39 23.12 22.75 -9.84
N ALA B 40 24.20 23.01 -9.12
CA ALA B 40 24.34 24.29 -8.42
C ALA B 40 24.56 25.43 -9.41
N GLY B 41 23.72 26.46 -9.30
CA GLY B 41 23.80 27.65 -10.15
C GLY B 41 23.69 27.35 -11.62
N GLU B 42 24.59 27.95 -12.40
CA GLU B 42 24.67 27.64 -13.82
C GLU B 42 25.34 26.28 -14.00
N SER B 43 24.74 25.44 -14.84
CA SER B 43 25.23 24.09 -15.02
C SER B 43 24.70 23.54 -16.34
N GLY B 44 25.11 22.31 -16.65
CA GLY B 44 24.71 21.62 -17.86
C GLY B 44 23.31 21.05 -17.87
N LYS B 45 22.47 21.45 -16.90
CA LYS B 45 21.08 21.00 -16.79
C LYS B 45 20.31 21.25 -18.08
N SER B 46 20.40 22.49 -18.60
CA SER B 46 19.72 22.92 -19.81
C SER B 46 20.09 22.04 -21.00
N THR B 47 21.33 21.56 -21.04
CA THR B 47 21.81 20.71 -22.12
C THR B 47 21.36 19.27 -21.91
N ILE B 48 21.72 18.70 -20.74
CA ILE B 48 21.40 17.31 -20.38
C ILE B 48 19.92 17.00 -20.62
N VAL B 49 19.01 17.93 -20.25
CA VAL B 49 17.58 17.70 -20.43
C VAL B 49 17.25 17.54 -21.91
N LYS B 50 17.88 18.38 -22.75
CA LYS B 50 17.67 18.37 -24.20
C LYS B 50 18.13 17.02 -24.76
N GLN B 51 19.28 16.55 -24.27
CA GLN B 51 19.83 15.27 -24.71
C GLN B 51 18.88 14.13 -24.33
N MET B 52 18.33 14.19 -23.11
CA MET B 52 17.40 13.15 -22.63
C MET B 52 16.15 13.10 -23.48
N LYS B 53 15.66 14.28 -23.92
CA LYS B 53 14.43 14.35 -24.72
C LYS B 53 14.54 13.55 -26.01
N ILE B 54 15.71 13.55 -26.63
CA ILE B 54 15.93 12.77 -27.84
C ILE B 54 16.27 11.33 -27.48
N THR B 181 8.42 27.90 -12.24
CA THR B 181 7.39 27.09 -12.86
C THR B 181 7.23 25.76 -12.13
N GLY B 182 7.98 25.60 -11.04
CA GLY B 182 7.89 24.39 -10.25
C GLY B 182 8.70 23.24 -10.84
N ILE B 183 8.26 22.03 -10.51
CA ILE B 183 8.97 20.82 -10.93
C ILE B 183 8.56 20.48 -12.36
N VAL B 184 9.56 20.25 -13.22
CA VAL B 184 9.33 19.83 -14.59
C VAL B 184 9.68 18.36 -14.72
N GLU B 185 8.91 17.64 -15.54
CA GLU B 185 9.06 16.21 -15.73
C GLU B 185 8.98 15.89 -17.22
N THR B 186 9.89 15.04 -17.69
CA THR B 186 9.82 14.50 -19.05
C THR B 186 9.90 12.99 -19.00
N HIS B 187 9.14 12.33 -19.87
CA HIS B 187 9.12 10.89 -19.95
C HIS B 187 9.84 10.45 -21.21
N PHE B 188 10.77 9.50 -21.08
CA PHE B 188 11.45 8.97 -22.25
C PHE B 188 11.89 7.53 -21.99
N THR B 189 11.88 6.74 -23.06
CA THR B 189 12.21 5.33 -23.03
C THR B 189 13.48 5.11 -23.84
N PHE B 190 14.49 4.53 -23.21
CA PHE B 190 15.76 4.22 -23.86
C PHE B 190 16.09 2.77 -23.59
N LYS B 191 16.19 1.97 -24.67
CA LYS B 191 16.46 0.52 -24.62
C LYS B 191 15.40 -0.21 -23.77
N ASP B 192 14.14 0.09 -24.06
CA ASP B 192 12.96 -0.49 -23.38
C ASP B 192 12.98 -0.27 -21.88
N LEU B 193 13.33 0.95 -21.47
CA LEU B 193 13.44 1.29 -20.05
C LEU B 193 12.89 2.69 -19.85
N HIS B 194 11.84 2.82 -19.03
CA HIS B 194 11.15 4.10 -18.86
C HIS B 194 11.81 4.92 -17.76
N PHE B 195 12.16 6.16 -18.09
CA PHE B 195 12.88 7.04 -17.18
C PHE B 195 11.98 8.18 -16.71
N LYS B 196 11.99 8.42 -15.40
CA LYS B 196 11.31 9.54 -14.79
C LYS B 196 12.35 10.62 -14.51
N MET B 197 12.14 11.80 -15.06
CA MET B 197 13.10 12.90 -15.09
C MET B 197 12.61 13.97 -14.13
N PHE B 198 13.37 14.24 -13.08
CA PHE B 198 12.93 15.21 -12.08
C PHE B 198 13.97 16.32 -11.98
N ASP B 199 13.50 17.55 -12.10
CA ASP B 199 14.37 18.72 -12.06
C ASP B 199 13.77 19.72 -11.08
N VAL B 200 14.62 20.28 -10.23
CA VAL B 200 14.20 21.12 -9.11
C VAL B 200 14.83 22.51 -9.19
N GLY B 201 15.28 22.92 -10.37
CA GLY B 201 16.01 24.17 -10.52
C GLY B 201 15.16 25.41 -10.35
N ALA B 202 13.84 25.29 -10.45
CA ALA B 202 12.95 26.41 -10.26
C ALA B 202 12.52 26.61 -8.81
N GLN B 203 12.97 25.75 -7.90
CA GLN B 203 12.60 25.84 -6.49
C GLN B 203 13.62 26.70 -5.76
N ARG B 204 13.30 27.99 -5.59
CA ARG B 204 14.15 28.91 -4.84
C ARG B 204 13.63 29.03 -3.41
N SER B 205 13.80 27.95 -2.67
CA SER B 205 13.33 27.86 -1.30
C SER B 205 14.29 27.00 -0.49
N GLU B 206 13.95 26.77 0.77
CA GLU B 206 14.73 25.87 1.62
C GLU B 206 14.53 24.44 1.17
N ARG B 207 15.64 23.77 0.83
CA ARG B 207 15.56 22.45 0.23
C ARG B 207 15.21 21.38 1.25
N LYS B 208 15.61 21.57 2.51
CA LYS B 208 15.44 20.55 3.54
C LYS B 208 13.98 20.31 3.89
N LYS B 209 13.09 21.23 3.55
CA LYS B 209 11.67 21.04 3.80
C LYS B 209 10.98 20.24 2.72
N TRP B 210 11.67 19.92 1.61
CA TRP B 210 11.07 19.07 0.59
C TRP B 210 12.00 18.01 0.01
N ILE B 211 13.29 17.98 0.41
CA ILE B 211 14.23 16.99 -0.13
C ILE B 211 13.84 15.59 0.34
N HIS B 212 13.15 15.48 1.48
CA HIS B 212 12.66 14.21 1.98
C HIS B 212 11.60 13.60 1.07
N CYS B 213 11.00 14.40 0.17
CA CYS B 213 10.09 13.86 -0.83
C CYS B 213 10.80 12.98 -1.84
N PHE B 214 12.13 13.10 -1.98
CA PHE B 214 12.87 12.33 -2.97
C PHE B 214 13.66 11.18 -2.34
N GLU B 215 13.11 10.55 -1.30
CA GLU B 215 13.79 9.44 -0.66
C GLU B 215 13.79 8.20 -1.54
N GLY B 216 12.68 7.93 -2.22
CA GLY B 216 12.52 6.72 -2.98
C GLY B 216 13.04 6.75 -4.40
N VAL B 217 13.82 7.76 -4.77
CA VAL B 217 14.34 7.82 -6.14
C VAL B 217 15.45 6.80 -6.31
N THR B 218 15.66 6.38 -7.55
CA THR B 218 16.71 5.39 -7.83
C THR B 218 18.06 6.07 -7.99
N ALA B 219 18.12 7.15 -8.78
CA ALA B 219 19.39 7.81 -9.04
C ALA B 219 19.27 9.32 -8.85
N ILE B 220 20.39 9.94 -8.51
CA ILE B 220 20.49 11.39 -8.42
C ILE B 220 21.65 11.81 -9.30
N ILE B 221 21.38 12.67 -10.29
CA ILE B 221 22.40 13.14 -11.21
C ILE B 221 22.85 14.51 -10.74
N PHE B 222 24.11 14.62 -10.35
CA PHE B 222 24.69 15.89 -9.96
C PHE B 222 25.45 16.43 -11.15
N CYS B 223 25.00 17.56 -11.69
CA CYS B 223 25.58 18.17 -12.87
C CYS B 223 26.50 19.31 -12.43
N VAL B 224 27.78 19.23 -12.81
CA VAL B 224 28.74 20.25 -12.44
C VAL B 224 29.69 20.50 -13.61
N ALA B 225 29.78 21.74 -14.04
CA ALA B 225 30.66 22.09 -15.14
C ALA B 225 32.10 22.26 -14.62
N LEU B 226 33.06 22.10 -15.52
CA LEU B 226 34.44 22.33 -15.13
C LEU B 226 34.89 23.75 -15.40
N SER B 227 34.12 24.53 -16.14
CA SER B 227 34.48 25.88 -16.52
C SER B 227 34.08 26.91 -15.47
N ASP B 228 33.69 26.47 -14.28
CA ASP B 228 33.24 27.36 -13.22
C ASP B 228 34.29 27.58 -12.13
N TYR B 229 35.53 27.16 -12.36
CA TYR B 229 36.55 27.35 -11.33
C TYR B 229 37.04 28.80 -11.31
N ASP B 230 37.22 29.40 -12.49
CA ASP B 230 37.59 30.81 -12.56
C ASP B 230 36.37 31.71 -12.38
N LEU B 231 35.22 31.28 -12.89
CA LEU B 231 34.00 32.08 -12.78
C LEU B 231 33.49 32.07 -11.34
N VAL B 232 32.88 33.18 -10.95
CA VAL B 232 32.35 33.36 -9.61
C VAL B 232 30.86 33.67 -9.71
N LEU B 233 30.17 33.43 -8.60
CA LEU B 233 28.76 33.81 -8.51
C LEU B 233 28.64 35.33 -8.40
N ALA B 234 27.49 35.85 -8.80
CA ALA B 234 27.22 37.28 -8.68
C ALA B 234 26.53 37.62 -7.35
N GLU B 235 27.09 37.09 -6.25
CA GLU B 235 26.65 37.44 -4.92
C GLU B 235 27.84 37.77 -4.03
N ASP B 236 28.97 37.11 -4.29
CA ASP B 236 30.19 37.29 -3.51
C ASP B 236 31.38 37.10 -4.44
N GLU B 237 32.33 38.03 -4.37
CA GLU B 237 33.46 38.00 -5.28
C GLU B 237 34.50 36.95 -4.86
N GLU B 238 34.63 36.71 -3.56
CA GLU B 238 35.71 35.86 -3.07
C GLU B 238 35.45 34.39 -3.37
N MET B 239 34.22 33.92 -3.17
CA MET B 239 33.91 32.51 -3.35
C MET B 239 33.84 32.16 -4.84
N ASN B 240 34.03 30.87 -5.12
CA ASN B 240 33.99 30.34 -6.48
C ASN B 240 32.79 29.42 -6.64
N ARG B 241 32.36 29.25 -7.88
CA ARG B 241 31.24 28.36 -8.17
C ARG B 241 31.60 26.90 -7.99
N MET B 242 32.89 26.57 -8.09
CA MET B 242 33.32 25.19 -7.88
C MET B 242 33.22 24.81 -6.41
N HIS B 243 33.60 25.72 -5.52
CA HIS B 243 33.45 25.46 -4.08
C HIS B 243 31.98 25.37 -3.69
N GLU B 244 31.13 26.18 -4.31
CA GLU B 244 29.69 26.08 -4.07
C GLU B 244 29.13 24.74 -4.54
N SER B 245 29.59 24.27 -5.71
CA SER B 245 29.18 22.97 -6.20
C SER B 245 29.67 21.84 -5.28
N MET B 246 30.89 21.98 -4.77
CA MET B 246 31.42 21.01 -3.80
C MET B 246 30.60 21.01 -2.52
N LYS B 247 30.18 22.20 -2.06
CA LYS B 247 29.38 22.32 -0.86
C LYS B 247 28.03 21.65 -1.04
N LEU B 248 27.38 21.89 -2.18
CA LEU B 248 26.09 21.29 -2.46
C LEU B 248 26.19 19.77 -2.60
N PHE B 249 27.25 19.28 -3.26
CA PHE B 249 27.48 17.85 -3.39
C PHE B 249 27.74 17.20 -2.03
N ASP B 250 28.50 17.88 -1.17
CA ASP B 250 28.74 17.40 0.19
C ASP B 250 27.44 17.32 0.98
N SER B 251 26.59 18.35 0.84
CA SER B 251 25.30 18.38 1.53
C SER B 251 24.39 17.25 1.07
N ILE B 252 24.38 16.96 -0.23
CA ILE B 252 23.53 15.90 -0.76
C ILE B 252 24.05 14.54 -0.34
N CYS B 253 25.38 14.33 -0.42
CA CYS B 253 25.95 13.02 -0.07
C CYS B 253 25.81 12.73 1.41
N ASN B 254 25.99 13.74 2.27
CA ASN B 254 25.86 13.54 3.70
C ASN B 254 24.43 13.71 4.21
N ASN B 255 23.45 13.83 3.31
CA ASN B 255 22.07 13.92 3.72
C ASN B 255 21.58 12.57 4.20
N LYS B 256 20.72 12.58 5.22
CA LYS B 256 20.25 11.34 5.83
C LYS B 256 19.21 10.60 4.98
N TRP B 257 18.59 11.29 4.02
CA TRP B 257 17.59 10.67 3.17
C TRP B 257 18.20 10.01 1.94
N PHE B 258 19.50 10.18 1.71
CA PHE B 258 20.17 9.70 0.51
C PHE B 258 21.28 8.72 0.85
N THR B 259 21.11 7.91 1.90
CA THR B 259 22.15 6.97 2.29
C THR B 259 22.22 5.80 1.32
N ASP B 260 21.07 5.32 0.85
CA ASP B 260 21.01 4.18 -0.05
C ASP B 260 20.88 4.60 -1.50
N THR B 261 20.74 5.90 -1.77
CA THR B 261 20.48 6.38 -3.11
C THR B 261 21.79 6.69 -3.83
N SER B 262 21.94 6.14 -5.03
CA SER B 262 23.15 6.30 -5.83
C SER B 262 23.18 7.65 -6.52
N ILE B 263 24.39 8.16 -6.73
CA ILE B 263 24.62 9.45 -7.35
C ILE B 263 25.46 9.26 -8.60
N ILE B 264 25.00 9.81 -9.72
CA ILE B 264 25.71 9.81 -10.99
C ILE B 264 26.24 11.22 -11.19
N LEU B 265 27.55 11.35 -11.29
CA LEU B 265 28.19 12.64 -11.42
C LEU B 265 28.45 12.94 -12.88
N PHE B 266 28.02 14.12 -13.34
CA PHE B 266 28.26 14.57 -14.70
C PHE B 266 29.12 15.81 -14.67
N LEU B 267 30.15 15.81 -15.50
CA LEU B 267 31.10 16.90 -15.62
C LEU B 267 30.86 17.54 -16.99
N ASN B 268 30.60 18.83 -17.00
CA ASN B 268 30.17 19.52 -18.21
C ASN B 268 31.24 20.47 -18.75
N LYS B 269 31.12 20.74 -20.05
CA LYS B 269 31.94 21.71 -20.80
C LYS B 269 33.44 21.37 -20.72
N LYS B 270 33.77 20.24 -21.37
CA LYS B 270 35.16 19.79 -21.43
C LYS B 270 36.03 20.72 -22.26
N ASP B 271 35.54 21.10 -23.45
CA ASP B 271 36.33 21.89 -24.40
C ASP B 271 36.63 23.30 -23.89
N LEU B 272 35.63 23.97 -23.32
CA LEU B 272 35.86 25.30 -22.77
C LEU B 272 36.76 25.24 -21.55
N PHE B 273 36.69 24.13 -20.80
CA PHE B 273 37.65 23.89 -19.72
C PHE B 273 39.07 23.74 -20.25
N GLU B 274 39.24 23.02 -21.36
CA GLU B 274 40.56 22.87 -21.96
C GLU B 274 41.11 24.22 -22.42
N GLU B 275 40.24 25.05 -22.99
CA GLU B 275 40.63 26.41 -23.38
C GLU B 275 41.04 27.24 -22.18
N LYS B 276 40.29 27.14 -21.08
CA LYS B 276 40.63 27.88 -19.86
C LYS B 276 41.93 27.39 -19.24
N ILE B 277 42.19 26.08 -19.28
CA ILE B 277 43.46 25.53 -18.79
C ILE B 277 44.63 26.05 -19.63
N LYS B 278 44.46 26.06 -20.96
CA LYS B 278 45.48 26.67 -21.84
C LYS B 278 45.65 28.16 -21.58
N LYS B 279 44.61 28.85 -21.09
CA LYS B 279 44.70 30.28 -20.82
C LYS B 279 45.03 30.62 -19.37
N SER B 280 44.44 29.92 -18.40
CA SER B 280 44.56 30.26 -17.00
C SER B 280 44.95 29.03 -16.18
N PRO B 281 45.67 29.21 -15.08
CA PRO B 281 46.03 28.06 -14.25
C PRO B 281 44.89 27.60 -13.36
N LEU B 282 44.99 26.35 -12.92
CA LEU B 282 43.99 25.75 -12.05
C LEU B 282 44.19 26.12 -10.58
N THR B 283 45.36 26.65 -10.22
CA THR B 283 45.70 26.95 -8.83
C THR B 283 44.86 28.06 -8.22
N ILE B 284 44.11 28.83 -9.02
CA ILE B 284 43.26 29.89 -8.50
C ILE B 284 42.12 29.33 -7.66
N CYS B 285 41.71 28.09 -7.90
CA CYS B 285 40.62 27.47 -7.15
C CYS B 285 41.10 26.45 -6.13
N TYR B 286 42.25 25.82 -6.35
CA TYR B 286 42.83 24.88 -5.40
C TYR B 286 44.27 25.29 -5.11
N PRO B 287 44.52 25.97 -4.00
CA PRO B 287 45.91 26.33 -3.65
C PRO B 287 46.76 25.13 -3.28
N GLU B 288 46.16 24.07 -2.74
CA GLU B 288 46.90 22.87 -2.37
C GLU B 288 47.26 21.98 -3.56
N TYR B 289 46.72 22.27 -4.74
CA TYR B 289 47.04 21.48 -5.93
C TYR B 289 48.45 21.76 -6.40
N ALA B 290 49.13 20.71 -6.84
CA ALA B 290 50.50 20.83 -7.33
C ALA B 290 50.68 19.81 -8.46
N GLY B 291 50.63 20.29 -9.69
CA GLY B 291 50.77 19.42 -10.84
C GLY B 291 50.82 20.22 -12.12
N SER B 292 50.97 19.51 -13.22
CA SER B 292 51.05 20.16 -14.53
C SER B 292 49.68 20.64 -14.98
N ASN B 293 49.68 21.66 -15.83
CA ASN B 293 48.44 22.19 -16.41
C ASN B 293 48.08 21.38 -17.65
N THR B 294 47.71 20.13 -17.40
CA THR B 294 47.30 19.18 -18.42
C THR B 294 45.85 18.80 -18.15
N TYR B 295 45.08 18.58 -19.22
CA TYR B 295 43.65 18.29 -19.09
C TYR B 295 43.39 17.00 -18.33
N GLU B 296 44.17 15.95 -18.62
CA GLU B 296 43.95 14.64 -18.00
C GLU B 296 44.20 14.69 -16.50
N GLU B 297 45.33 15.29 -16.09
CA GLU B 297 45.65 15.40 -14.67
C GLU B 297 44.69 16.29 -13.92
N ALA B 298 44.29 17.41 -14.52
CA ALA B 298 43.33 18.31 -13.89
C ALA B 298 41.96 17.67 -13.74
N ALA B 299 41.50 16.96 -14.79
CA ALA B 299 40.23 16.25 -14.72
C ALA B 299 40.27 15.15 -13.67
N ALA B 300 41.38 14.42 -13.60
CA ALA B 300 41.53 13.38 -12.57
C ALA B 300 41.52 13.98 -11.17
N TYR B 301 42.18 15.12 -10.98
CA TYR B 301 42.19 15.78 -9.68
C TYR B 301 40.79 16.26 -9.28
N ILE B 302 40.05 16.83 -10.24
CA ILE B 302 38.68 17.29 -9.96
C ILE B 302 37.77 16.11 -9.62
N GLN B 303 37.90 15.01 -10.36
CA GLN B 303 37.12 13.80 -10.07
C GLN B 303 37.45 13.22 -8.71
N CYS B 304 38.74 13.16 -8.35
CA CYS B 304 39.14 12.68 -7.04
C CYS B 304 38.64 13.59 -5.93
N GLN B 305 38.69 14.91 -6.14
CA GLN B 305 38.21 15.86 -5.15
C GLN B 305 36.71 15.72 -4.92
N PHE B 306 35.93 15.54 -5.99
CA PHE B 306 34.50 15.31 -5.82
C PHE B 306 34.20 13.96 -5.16
N GLU B 307 34.93 12.90 -5.52
CA GLU B 307 34.67 11.59 -4.95
C GLU B 307 35.22 11.44 -3.52
N ASP B 308 36.08 12.36 -3.06
CA ASP B 308 36.53 12.30 -1.68
C ASP B 308 35.53 12.89 -0.70
N LEU B 309 34.49 13.57 -1.20
CA LEU B 309 33.46 14.13 -0.33
C LEU B 309 32.43 13.10 0.08
N ASN B 310 32.49 11.90 -0.49
CA ASN B 310 31.58 10.80 -0.12
C ASN B 310 32.11 10.19 1.17
N LYS B 311 31.48 10.56 2.29
CA LYS B 311 31.89 10.00 3.57
C LYS B 311 31.49 8.54 3.70
N ARG B 312 30.38 8.15 3.08
CA ARG B 312 29.89 6.77 3.13
C ARG B 312 30.46 6.04 1.91
N LYS B 313 31.62 5.42 2.09
CA LYS B 313 32.32 4.78 0.98
C LYS B 313 31.75 3.42 0.61
N ASP B 314 30.98 2.79 1.48
CA ASP B 314 30.49 1.44 1.24
C ASP B 314 29.08 1.40 0.64
N THR B 315 28.15 2.17 1.18
CA THR B 315 26.75 2.08 0.74
C THR B 315 26.43 2.94 -0.47
N LYS B 316 27.35 3.79 -0.92
CA LYS B 316 27.09 4.71 -2.01
C LYS B 316 28.16 4.57 -3.09
N GLU B 317 27.74 4.64 -4.34
CA GLU B 317 28.65 4.58 -5.49
C GLU B 317 28.45 5.81 -6.35
N ILE B 318 29.56 6.40 -6.81
CA ILE B 318 29.53 7.59 -7.67
C ILE B 318 29.98 7.19 -9.06
N TYR B 319 29.18 7.53 -10.06
CA TYR B 319 29.44 7.21 -11.46
C TYR B 319 29.83 8.50 -12.19
N THR B 320 31.12 8.81 -12.17
CA THR B 320 31.65 10.01 -12.81
C THR B 320 31.72 9.83 -14.33
N HIS B 321 31.22 10.83 -15.06
CA HIS B 321 31.24 10.82 -16.52
C HIS B 321 31.63 12.20 -17.01
N PHE B 322 32.23 12.25 -18.20
CA PHE B 322 32.59 13.49 -18.86
C PHE B 322 31.64 13.68 -20.04
N THR B 323 30.73 14.63 -19.91
CA THR B 323 29.69 14.81 -20.91
C THR B 323 30.24 15.41 -22.20
N CYS B 324 29.73 14.93 -23.32
CA CYS B 324 30.22 15.30 -24.64
C CYS B 324 29.07 15.86 -25.47
N SER B 325 29.42 16.29 -26.69
CA SER B 325 28.42 16.84 -27.60
C SER B 325 27.46 15.78 -28.11
N THR B 326 27.91 14.52 -28.21
CA THR B 326 27.04 13.45 -28.69
C THR B 326 25.98 13.11 -27.65
N ASP B 327 24.72 13.16 -28.07
CA ASP B 327 23.60 12.90 -27.17
C ASP B 327 23.53 11.43 -26.76
N THR B 328 23.82 10.53 -27.70
CA THR B 328 23.69 9.09 -27.49
C THR B 328 24.60 8.58 -26.36
N LYS B 329 25.84 9.08 -26.30
CA LYS B 329 26.81 8.62 -25.31
C LYS B 329 26.37 8.90 -23.87
N ASN B 330 25.85 10.11 -23.61
CA ASN B 330 25.41 10.46 -22.26
C ASN B 330 24.23 9.60 -21.81
N VAL B 331 23.24 9.41 -22.70
CA VAL B 331 22.08 8.59 -22.38
C VAL B 331 22.51 7.14 -22.17
N GLN B 332 23.47 6.67 -22.98
CA GLN B 332 24.00 5.31 -22.85
C GLN B 332 24.68 5.12 -21.50
N PHE B 333 25.45 6.13 -21.06
CA PHE B 333 26.08 6.06 -19.74
C PHE B 333 25.04 6.01 -18.65
N VAL B 334 23.99 6.82 -18.78
CA VAL B 334 22.89 6.83 -17.82
C VAL B 334 22.25 5.46 -17.74
N PHE B 335 21.95 4.86 -18.91
CA PHE B 335 21.37 3.53 -18.97
C PHE B 335 22.25 2.47 -18.31
N ASP B 336 23.56 2.52 -18.56
CA ASP B 336 24.48 1.55 -17.97
C ASP B 336 24.59 1.72 -16.46
N ALA B 337 24.73 2.96 -15.98
CA ALA B 337 24.82 3.20 -14.54
C ALA B 337 23.52 2.85 -13.83
N VAL B 338 22.37 3.19 -14.43
CA VAL B 338 21.07 2.85 -13.88
C VAL B 338 20.87 1.34 -13.82
N THR B 339 21.33 0.63 -14.87
CA THR B 339 21.26 -0.83 -14.91
C THR B 339 22.07 -1.44 -13.77
N ASP B 340 23.28 -0.92 -13.54
CA ASP B 340 24.12 -1.41 -12.44
C ASP B 340 23.48 -1.12 -11.09
N VAL B 341 22.89 0.06 -10.92
CA VAL B 341 22.24 0.45 -9.68
C VAL B 341 21.03 -0.44 -9.39
N ILE B 342 20.26 -0.78 -10.43
CA ILE B 342 19.12 -1.69 -10.27
C ILE B 342 19.57 -3.08 -9.84
N ILE B 343 20.64 -3.59 -10.45
CA ILE B 343 21.18 -4.90 -10.06
C ILE B 343 21.64 -4.89 -8.61
N LYS B 344 22.40 -3.84 -8.23
CA LYS B 344 22.89 -3.73 -6.85
C LYS B 344 21.74 -3.61 -5.85
N ASN B 345 20.71 -2.84 -6.18
CA ASN B 345 19.56 -2.67 -5.28
C ASN B 345 18.82 -4.00 -5.09
N ASN B 346 18.61 -4.74 -6.17
CA ASN B 346 17.93 -6.04 -6.07
C ASN B 346 18.74 -7.02 -5.25
N LEU B 347 20.06 -7.06 -5.46
CA LEU B 347 20.92 -7.96 -4.70
C LEU B 347 20.96 -7.57 -3.21
N LYS B 348 21.01 -6.27 -2.92
CA LYS B 348 20.98 -5.80 -1.52
C LYS B 348 19.66 -6.18 -0.85
N ASP B 349 18.55 -6.05 -1.58
CA ASP B 349 17.26 -6.47 -1.06
C ASP B 349 17.23 -7.97 -0.78
N CYS B 350 17.78 -8.76 -1.70
CA CYS B 350 17.91 -10.20 -1.47
C CYS B 350 18.88 -10.52 -0.34
N GLY B 351 19.83 -9.61 -0.07
CA GLY B 351 20.82 -9.82 0.96
C GLY B 351 22.15 -10.34 0.48
N LEU B 352 22.31 -10.54 -0.83
CA LEU B 352 23.51 -11.15 -1.37
C LEU B 352 24.66 -10.14 -1.47
N PHE B 353 24.40 -8.93 -1.95
CA PHE B 353 25.44 -7.93 -2.08
C PHE B 353 25.61 -7.16 -0.77
N SER C 7 23.77 56.97 6.42
CA SER C 7 22.75 55.96 6.13
C SER C 7 21.69 55.91 7.23
N GLU C 8 20.45 56.18 6.87
CA GLU C 8 19.33 56.13 7.80
C GLU C 8 18.72 54.74 7.92
N LEU C 9 19.28 53.74 7.22
CA LEU C 9 18.84 52.36 7.38
C LEU C 9 19.15 51.87 8.80
N ASP C 10 20.32 52.26 9.32
CA ASP C 10 20.72 51.88 10.67
C ASP C 10 19.73 52.44 11.69
N GLN C 11 19.29 53.70 11.47
CA GLN C 11 18.28 54.32 12.32
C GLN C 11 17.05 53.44 12.40
N LEU C 12 16.45 53.17 11.23
CA LEU C 12 15.33 52.23 11.06
C LEU C 12 15.51 50.93 11.86
N ARG C 13 16.70 50.31 11.73
CA ARG C 13 17.07 49.15 12.55
C ARG C 13 16.91 49.41 14.05
N GLN C 14 17.40 50.57 14.50
CA GLN C 14 17.32 50.94 15.91
C GLN C 14 15.87 51.13 16.35
N GLU C 15 15.06 51.76 15.51
CA GLU C 15 13.64 51.96 15.81
C GLU C 15 12.91 50.62 15.89
N ALA C 16 13.23 49.70 14.98
CA ALA C 16 12.64 48.36 15.02
C ALA C 16 13.04 47.62 16.30
N GLU C 17 14.30 47.74 16.71
CA GLU C 17 14.75 47.13 17.95
C GLU C 17 14.05 47.73 19.16
N GLN C 18 13.86 49.06 19.16
CA GLN C 18 13.14 49.72 20.24
C GLN C 18 11.68 49.26 20.31
N LEU C 19 11.03 49.11 19.16
CA LEU C 19 9.66 48.59 19.13
C LEU C 19 9.59 47.15 19.63
N LYS C 20 10.56 46.32 19.26
CA LYS C 20 10.60 44.94 19.78
C LYS C 20 10.80 44.93 21.29
N ASN C 21 11.64 45.84 21.80
CA ASN C 21 11.81 45.98 23.24
C ASN C 21 10.50 46.41 23.91
N GLN C 22 9.76 47.31 23.27
CA GLN C 22 8.45 47.71 23.78
C GLN C 22 7.48 46.54 23.81
N ILE C 23 7.51 45.69 22.77
CA ILE C 23 6.65 44.50 22.71
C ILE C 23 6.98 43.54 23.85
N ARG C 24 8.27 43.24 24.03
CA ARG C 24 8.64 42.29 25.09
C ARG C 24 8.39 42.87 26.48
N ASP C 25 8.56 44.19 26.65
CA ASP C 25 8.26 44.83 27.93
C ASP C 25 6.76 44.78 28.23
N ALA C 26 5.91 45.04 27.22
CA ALA C 26 4.46 44.97 27.41
C ALA C 26 4.00 43.55 27.72
N ARG C 27 4.56 42.55 27.02
CA ARG C 27 4.22 41.16 27.29
C ARG C 27 4.66 40.73 28.68
N LYS C 28 5.87 41.15 29.09
CA LYS C 28 6.35 40.82 30.44
C LYS C 28 5.51 41.50 31.52
N ALA C 29 5.12 42.75 31.30
CA ALA C 29 4.28 43.47 32.25
C ALA C 29 2.90 42.86 32.36
N CYS C 30 2.34 42.41 31.23
CA CYS C 30 1.00 41.86 31.23
C CYS C 30 0.94 40.45 31.81
N ALA C 31 2.08 39.77 31.92
CA ALA C 31 2.14 38.39 32.41
C ALA C 31 2.03 38.39 33.93
N ASP C 32 0.79 38.41 34.42
CA ASP C 32 0.56 38.37 35.86
C ASP C 32 0.65 36.96 36.42
N ALA C 33 0.33 35.95 35.62
CA ALA C 33 0.37 34.57 36.06
C ALA C 33 0.64 33.67 34.87
N THR C 34 0.61 32.36 35.08
CA THR C 34 0.81 31.37 34.03
C THR C 34 -0.33 30.36 34.08
N LEU C 35 -0.54 29.68 32.96
CA LEU C 35 -1.64 28.72 32.85
C LEU C 35 -1.42 27.50 33.74
N SER C 36 -0.16 27.14 34.01
CA SER C 36 0.14 25.98 34.83
C SER C 36 -0.29 26.17 36.28
N GLN C 37 0.07 27.30 36.89
CA GLN C 37 -0.33 27.57 38.28
C GLN C 37 -1.81 27.89 38.40
N ILE C 38 -2.46 28.35 37.33
CA ILE C 38 -3.91 28.53 37.37
C ILE C 38 -4.61 27.18 37.33
N THR C 39 -4.17 26.28 36.46
CA THR C 39 -4.86 25.03 36.23
C THR C 39 -4.34 23.85 37.05
N ASN C 40 -3.34 24.05 37.93
CA ASN C 40 -2.88 22.93 38.77
C ASN C 40 -3.94 22.43 39.76
N ASN C 41 -4.98 23.22 40.04
CA ASN C 41 -5.99 22.82 41.02
C ASN C 41 -7.06 21.89 40.47
N ILE C 42 -7.18 21.75 39.15
CA ILE C 42 -8.24 20.92 38.58
C ILE C 42 -7.77 19.47 38.56
N ASP C 43 -8.72 18.55 38.34
CA ASP C 43 -8.40 17.13 38.36
C ASP C 43 -7.59 16.74 37.12
N PRO C 44 -6.69 15.77 37.25
CA PRO C 44 -5.94 15.30 36.09
C PRO C 44 -6.82 14.56 35.09
N VAL C 45 -6.33 14.47 33.86
CA VAL C 45 -7.08 13.82 32.79
C VAL C 45 -7.03 12.30 32.90
N GLY C 46 -5.94 11.75 33.44
CA GLY C 46 -5.79 10.31 33.50
C GLY C 46 -5.28 9.73 32.20
N ARG C 47 -5.02 8.42 32.24
CA ARG C 47 -4.50 7.73 31.08
C ARG C 47 -5.59 7.51 30.05
N ILE C 48 -5.25 7.70 28.77
CA ILE C 48 -6.17 7.55 27.66
C ILE C 48 -5.58 6.56 26.67
N GLN C 49 -6.32 5.49 26.40
CA GLN C 49 -5.88 4.41 25.52
C GLN C 49 -6.86 4.30 24.36
N MET C 50 -6.36 4.49 23.14
CA MET C 50 -7.17 4.41 21.93
C MET C 50 -6.65 3.28 21.06
N ARG C 51 -7.50 2.28 20.79
CA ARG C 51 -7.14 1.18 19.91
C ARG C 51 -7.39 1.56 18.46
N THR C 52 -6.88 0.75 17.53
CA THR C 52 -7.00 1.10 16.11
C THR C 52 -8.34 0.56 15.62
N ARG C 53 -9.34 1.44 15.49
CA ARG C 53 -10.66 1.00 15.04
C ARG C 53 -10.64 0.54 13.59
N ARG C 54 -10.02 1.34 12.72
CA ARG C 54 -9.96 1.06 11.29
C ARG C 54 -8.58 1.39 10.76
N THR C 55 -8.17 0.64 9.74
CA THR C 55 -6.92 0.90 9.04
C THR C 55 -7.24 1.00 7.56
N LEU C 56 -6.87 2.12 6.96
CA LEU C 56 -7.05 2.39 5.54
C LEU C 56 -5.74 2.08 4.84
N ARG C 57 -5.78 1.15 3.87
CA ARG C 57 -4.56 0.56 3.34
C ARG C 57 -4.46 0.61 1.82
N GLY C 58 -5.17 1.55 1.17
CA GLY C 58 -5.17 1.60 -0.27
C GLY C 58 -3.96 2.23 -0.91
N HIS C 59 -3.26 3.11 -0.18
CA HIS C 59 -2.12 3.80 -0.76
C HIS C 59 -0.91 2.88 -0.92
N LEU C 60 -0.02 3.28 -1.83
CA LEU C 60 1.20 2.55 -2.09
C LEU C 60 2.44 3.39 -1.85
N ALA C 61 2.30 4.67 -1.52
CA ALA C 61 3.42 5.56 -1.26
C ALA C 61 3.12 6.38 -0.01
N LYS C 62 4.05 7.27 0.34
CA LYS C 62 3.99 7.97 1.62
C LYS C 62 2.92 9.06 1.63
N ILE C 63 2.07 9.03 2.66
CA ILE C 63 0.94 9.93 2.80
C ILE C 63 1.40 11.21 3.48
N TYR C 64 1.04 12.36 2.90
CA TYR C 64 1.49 13.65 3.42
C TYR C 64 0.41 14.41 4.19
N ALA C 65 -0.76 14.61 3.60
CA ALA C 65 -1.78 15.42 4.23
C ALA C 65 -3.13 14.71 4.23
N MET C 66 -4.02 15.20 5.07
CA MET C 66 -5.34 14.62 5.25
C MET C 66 -6.24 15.70 5.81
N HIS C 67 -7.54 15.58 5.55
CA HIS C 67 -8.52 16.52 6.07
C HIS C 67 -9.83 15.80 6.27
N TRP C 68 -10.63 16.28 7.21
CA TRP C 68 -11.93 15.70 7.53
C TRP C 68 -13.06 16.52 6.93
N GLY C 69 -14.13 15.83 6.57
CA GLY C 69 -15.34 16.49 6.10
C GLY C 69 -16.18 17.05 7.23
N THR C 70 -17.16 17.86 6.84
CA THR C 70 -18.08 18.45 7.81
C THR C 70 -18.94 17.38 8.48
N ASP C 71 -19.37 16.38 7.70
CA ASP C 71 -20.18 15.29 8.24
C ASP C 71 -19.38 14.31 9.10
N SER C 72 -18.05 14.45 9.13
CA SER C 72 -17.13 13.63 9.93
C SER C 72 -17.22 12.15 9.56
N ARG C 73 -17.41 11.89 8.27
CA ARG C 73 -17.44 10.51 7.79
C ARG C 73 -16.53 10.36 6.57
N LEU C 74 -16.53 11.37 5.71
CA LEU C 74 -15.70 11.36 4.52
C LEU C 74 -14.40 12.10 4.79
N LEU C 75 -13.29 11.52 4.34
CA LEU C 75 -11.99 12.18 4.49
C LEU C 75 -11.20 12.03 3.20
N VAL C 76 -10.17 12.85 3.07
CA VAL C 76 -9.37 12.94 1.86
C VAL C 76 -7.92 12.63 2.22
N SER C 77 -7.27 11.81 1.40
CA SER C 77 -5.89 11.43 1.65
C SER C 77 -5.06 11.65 0.40
N ALA C 78 -3.83 12.14 0.60
CA ALA C 78 -2.90 12.41 -0.49
C ALA C 78 -1.57 11.71 -0.22
N SER C 79 -1.09 10.97 -1.22
CA SER C 79 0.21 10.30 -1.14
C SER C 79 0.94 10.47 -2.47
N GLN C 80 2.19 10.03 -2.49
CA GLN C 80 3.07 10.13 -3.65
C GLN C 80 2.76 9.16 -4.76
N ASP C 81 1.68 8.38 -4.72
CA ASP C 81 1.28 7.65 -5.91
C ASP C 81 0.65 8.55 -6.97
N GLY C 82 0.40 9.81 -6.66
CA GLY C 82 -0.20 10.73 -7.60
C GLY C 82 -1.71 10.68 -7.60
N LYS C 83 -2.32 10.29 -6.48
CA LYS C 83 -3.75 10.11 -6.42
C LYS C 83 -4.30 10.58 -5.08
N LEU C 84 -5.44 11.25 -5.14
CA LEU C 84 -6.23 11.64 -3.97
C LEU C 84 -7.30 10.59 -3.76
N ILE C 85 -7.44 10.09 -2.54
CA ILE C 85 -8.41 9.06 -2.25
C ILE C 85 -9.40 9.59 -1.24
N ILE C 86 -10.69 9.48 -1.55
CA ILE C 86 -11.77 9.88 -0.66
C ILE C 86 -12.20 8.63 0.06
N TRP C 87 -11.97 8.59 1.37
CA TRP C 87 -12.25 7.44 2.20
C TRP C 87 -13.54 7.62 2.97
N ASP C 88 -14.30 6.53 3.06
CA ASP C 88 -15.44 6.42 3.95
C ASP C 88 -14.93 5.83 5.26
N SER C 89 -15.20 6.52 6.38
CA SER C 89 -14.61 6.11 7.65
C SER C 89 -15.30 4.88 8.22
N TYR C 90 -16.63 4.82 8.12
CA TYR C 90 -17.38 3.82 8.86
C TYR C 90 -17.29 2.46 8.20
N THR C 91 -17.37 2.41 6.87
CA THR C 91 -17.43 1.16 6.13
C THR C 91 -16.17 0.90 5.31
N THR C 92 -15.05 1.58 5.65
CA THR C 92 -13.70 1.53 5.06
C THR C 92 -13.67 1.49 3.53
N ASN C 93 -14.61 2.15 2.88
CA ASN C 93 -14.74 2.13 1.44
C ASN C 93 -14.06 3.34 0.80
N LYS C 94 -13.76 3.19 -0.49
CA LYS C 94 -13.15 4.25 -1.28
C LYS C 94 -14.22 4.90 -2.15
N VAL C 95 -14.59 6.13 -1.81
CA VAL C 95 -15.61 6.84 -2.56
C VAL C 95 -15.07 7.29 -3.92
N HIS C 96 -13.86 7.85 -3.96
CA HIS C 96 -13.28 8.36 -5.19
C HIS C 96 -11.77 8.18 -5.18
N ALA C 97 -11.21 8.01 -6.38
CA ALA C 97 -9.77 7.96 -6.61
C ALA C 97 -9.47 8.92 -7.74
N ILE C 98 -8.79 10.01 -7.43
CA ILE C 98 -8.54 11.12 -8.35
C ILE C 98 -7.07 11.05 -8.78
N PRO C 99 -6.77 10.82 -10.05
CA PRO C 99 -5.37 10.88 -10.50
C PRO C 99 -4.91 12.31 -10.63
N LEU C 100 -3.74 12.60 -10.07
CA LEU C 100 -3.21 13.96 -10.08
C LEU C 100 -2.38 14.20 -11.34
N ARG C 101 -2.36 15.46 -11.79
CA ARG C 101 -1.50 15.82 -12.90
C ARG C 101 -0.04 15.86 -12.46
N SER C 102 0.22 16.40 -11.27
CA SER C 102 1.54 16.38 -10.66
C SER C 102 1.51 15.47 -9.45
N SER C 103 2.38 14.46 -9.42
CA SER C 103 2.40 13.48 -8.36
C SER C 103 3.10 13.97 -7.09
N TRP C 104 3.65 15.17 -7.11
CA TRP C 104 4.41 15.69 -5.97
C TRP C 104 3.48 16.54 -5.12
N VAL C 105 2.64 15.85 -4.36
CA VAL C 105 1.57 16.46 -3.57
C VAL C 105 2.01 16.55 -2.10
N MET C 106 1.75 17.71 -1.49
CA MET C 106 2.05 17.91 -0.07
C MET C 106 0.90 18.49 0.72
N THR C 107 -0.27 18.73 0.11
CA THR C 107 -1.40 19.25 0.84
C THR C 107 -2.71 18.88 0.13
N CYS C 108 -3.73 18.59 0.93
CA CYS C 108 -5.07 18.31 0.43
C CYS C 108 -6.08 18.82 1.44
N ALA C 109 -7.23 19.23 0.94
CA ALA C 109 -8.29 19.80 1.76
C ALA C 109 -9.65 19.38 1.25
N TYR C 110 -10.58 19.15 2.17
CA TYR C 110 -11.94 18.80 1.83
C TYR C 110 -12.83 20.01 2.11
N ALA C 111 -13.77 20.28 1.22
CA ALA C 111 -14.58 21.48 1.32
C ALA C 111 -15.57 21.37 2.48
N PRO C 112 -15.92 22.50 3.11
CA PRO C 112 -16.96 22.45 4.15
C PRO C 112 -18.33 22.14 3.60
N SER C 113 -18.64 22.54 2.36
CA SER C 113 -19.88 22.12 1.74
C SER C 113 -19.83 20.65 1.33
N GLY C 114 -18.64 20.16 0.98
CA GLY C 114 -18.47 18.80 0.52
C GLY C 114 -18.36 18.65 -0.98
N ASN C 115 -18.32 19.75 -1.73
CA ASN C 115 -18.36 19.68 -3.18
C ASN C 115 -16.96 19.52 -3.78
N TYR C 116 -15.95 20.15 -3.20
CA TYR C 116 -14.64 20.27 -3.83
C TYR C 116 -13.55 19.67 -2.96
N VAL C 117 -12.43 19.35 -3.60
CA VAL C 117 -11.23 18.85 -2.94
C VAL C 117 -10.02 19.59 -3.47
N ALA C 118 -9.33 20.32 -2.59
CA ALA C 118 -8.14 21.06 -2.94
C ALA C 118 -6.89 20.18 -2.82
N CYS C 119 -5.93 20.44 -3.71
CA CYS C 119 -4.70 19.66 -3.78
C CYS C 119 -3.54 20.60 -4.07
N GLY C 120 -2.35 20.19 -3.66
CA GLY C 120 -1.17 20.98 -3.99
C GLY C 120 0.09 20.34 -3.48
N GLY C 121 1.23 20.92 -3.86
CA GLY C 121 2.51 20.38 -3.47
C GLY C 121 3.73 21.07 -4.03
N LEU C 122 4.69 20.30 -4.56
CA LEU C 122 5.88 20.87 -5.17
C LEU C 122 5.55 21.63 -6.45
N ASP C 123 4.57 21.16 -7.21
CA ASP C 123 3.98 21.99 -8.24
C ASP C 123 3.26 23.15 -7.57
N ASN C 124 3.28 24.30 -8.23
CA ASN C 124 2.91 25.56 -7.59
C ASN C 124 1.40 25.81 -7.58
N ILE C 125 0.58 24.77 -7.69
CA ILE C 125 -0.84 24.90 -7.99
C ILE C 125 -1.65 24.19 -6.91
N CYS C 126 -2.64 24.90 -6.35
CA CYS C 126 -3.69 24.26 -5.55
C CYS C 126 -4.84 23.95 -6.49
N SER C 127 -4.77 22.76 -7.11
CA SER C 127 -5.82 22.33 -8.02
C SER C 127 -7.10 22.02 -7.25
N ILE C 128 -8.24 22.45 -7.82
CA ILE C 128 -9.54 22.24 -7.21
C ILE C 128 -10.27 21.17 -8.01
N TYR C 129 -10.67 20.10 -7.35
CA TYR C 129 -11.37 18.99 -7.98
C TYR C 129 -12.84 19.01 -7.59
N ASN C 130 -13.72 18.87 -8.58
CA ASN C 130 -15.16 18.88 -8.37
C ASN C 130 -15.64 17.45 -8.15
N LEU C 131 -16.22 17.18 -6.98
CA LEU C 131 -16.71 15.84 -6.66
C LEU C 131 -18.15 15.60 -7.06
N LYS C 132 -18.89 16.64 -7.42
CA LYS C 132 -20.32 16.50 -7.68
C LYS C 132 -20.66 16.84 -9.12
N THR C 133 -19.91 16.27 -10.06
CA THR C 133 -20.15 16.53 -11.47
C THR C 133 -21.34 15.74 -11.98
N ARG C 134 -21.97 16.26 -13.02
CA ARG C 134 -23.09 15.56 -13.66
C ARG C 134 -22.59 14.34 -14.43
N GLU C 135 -21.38 14.40 -14.96
CA GLU C 135 -20.81 13.30 -15.74
C GLU C 135 -20.44 12.09 -14.88
N GLY C 136 -20.32 12.27 -13.57
CA GLY C 136 -20.06 11.18 -12.66
C GLY C 136 -18.61 10.97 -12.30
N ASN C 137 -17.68 11.51 -13.08
CA ASN C 137 -16.26 11.47 -12.74
C ASN C 137 -15.85 12.75 -12.05
N VAL C 138 -14.64 12.74 -11.50
CA VAL C 138 -14.06 13.92 -10.84
C VAL C 138 -13.13 14.60 -11.82
N ARG C 139 -13.36 15.90 -12.05
CA ARG C 139 -12.59 16.66 -13.04
C ARG C 139 -11.99 17.89 -12.37
N VAL C 140 -10.92 18.39 -12.98
CA VAL C 140 -10.25 19.58 -12.49
C VAL C 140 -11.13 20.80 -12.75
N SER C 141 -11.42 21.57 -11.70
CA SER C 141 -12.19 22.79 -11.90
C SER C 141 -11.36 23.83 -12.63
N ARG C 142 -10.15 24.12 -12.13
CA ARG C 142 -9.23 25.06 -12.75
C ARG C 142 -7.85 24.90 -12.10
N GLU C 143 -6.89 25.62 -12.68
CA GLU C 143 -5.51 25.65 -12.20
C GLU C 143 -5.24 27.02 -11.58
N LEU C 144 -4.55 27.03 -10.45
CA LEU C 144 -4.20 28.24 -9.72
C LEU C 144 -2.68 28.39 -9.72
N ALA C 145 -2.14 29.18 -10.65
CA ALA C 145 -0.71 29.17 -10.94
C ALA C 145 0.05 30.41 -10.49
N GLY C 146 -0.50 31.19 -9.56
CA GLY C 146 0.15 32.45 -9.18
C GLY C 146 1.45 32.28 -8.41
N HIS C 147 1.50 31.32 -7.49
CA HIS C 147 2.65 31.17 -6.61
C HIS C 147 3.88 30.64 -7.35
N THR C 148 5.05 30.99 -6.82
CA THR C 148 6.33 30.53 -7.33
C THR C 148 6.91 29.37 -6.53
N GLY C 149 6.85 29.42 -5.20
CA GLY C 149 7.37 28.37 -4.37
C GLY C 149 6.43 27.19 -4.21
N TYR C 150 6.94 26.14 -3.56
CA TYR C 150 6.17 24.93 -3.33
C TYR C 150 4.99 25.21 -2.42
N LEU C 151 3.85 24.58 -2.72
CA LEU C 151 2.62 24.83 -1.98
C LEU C 151 2.61 24.02 -0.69
N SER C 152 2.50 24.71 0.46
CA SER C 152 2.54 24.03 1.75
C SER C 152 1.17 23.60 2.27
N CYS C 153 0.15 24.48 2.33
CA CYS C 153 -1.22 24.16 2.83
C CYS C 153 -2.42 24.88 2.24
N CYS C 154 -3.40 24.18 1.68
CA CYS C 154 -4.63 24.78 1.18
C CYS C 154 -5.65 24.54 2.23
N ARG C 155 -6.53 25.49 2.53
CA ARG C 155 -7.64 25.27 3.45
C ARG C 155 -8.81 26.08 2.93
N PHE C 156 -9.87 25.45 2.46
CA PHE C 156 -11.05 26.11 1.91
C PHE C 156 -11.62 27.07 2.93
N LEU C 157 -11.46 28.37 2.66
CA LEU C 157 -12.12 29.39 3.47
C LEU C 157 -13.63 29.32 3.29
N ASP C 158 -14.07 29.10 2.06
CA ASP C 158 -15.49 28.98 1.72
C ASP C 158 -15.56 28.21 0.40
N ASP C 159 -16.77 28.12 -0.14
CA ASP C 159 -16.96 27.41 -1.40
C ASP C 159 -16.27 28.13 -2.56
N ASN C 160 -16.29 29.46 -2.55
CA ASN C 160 -15.73 30.26 -3.64
C ASN C 160 -14.37 30.87 -3.31
N GLN C 161 -13.93 30.81 -2.06
CA GLN C 161 -12.69 31.44 -1.63
C GLN C 161 -11.81 30.41 -0.95
N ILE C 162 -10.53 30.36 -1.33
CA ILE C 162 -9.59 29.41 -0.73
C ILE C 162 -8.30 30.11 -0.30
N VAL C 163 -8.00 30.03 0.99
CA VAL C 163 -6.76 30.59 1.51
C VAL C 163 -5.66 29.53 1.39
N THR C 164 -4.43 29.97 1.14
CA THR C 164 -3.34 29.03 0.89
C THR C 164 -2.03 29.63 1.34
N SER C 165 -1.07 28.73 1.57
CA SER C 165 0.28 29.10 1.96
C SER C 165 1.26 28.37 1.05
N SER C 166 2.38 29.03 0.74
CA SER C 166 3.41 28.38 -0.04
C SER C 166 4.79 28.72 0.51
N GLY C 167 5.80 28.09 -0.09
CA GLY C 167 7.18 28.27 0.32
C GLY C 167 7.90 29.44 -0.31
N ASP C 168 7.18 30.40 -0.87
CA ASP C 168 7.79 31.61 -1.40
C ASP C 168 7.66 32.79 -0.44
N THR C 169 7.42 32.52 0.85
CA THR C 169 7.29 33.41 2.01
C THR C 169 5.98 34.19 2.01
N THR C 170 5.00 33.84 1.17
CA THR C 170 3.73 34.56 1.15
C THR C 170 2.57 33.57 1.25
N CYS C 171 1.41 34.11 1.64
CA CYS C 171 0.16 33.37 1.75
C CYS C 171 -0.90 34.10 0.95
N ALA C 172 -1.63 33.40 0.09
CA ALA C 172 -2.61 34.12 -0.71
C ALA C 172 -4.03 33.59 -0.56
N LEU C 173 -4.98 34.49 -0.75
CA LEU C 173 -6.41 34.19 -0.73
C LEU C 173 -6.88 34.26 -2.18
N TRP C 174 -7.38 33.14 -2.69
CA TRP C 174 -7.83 33.00 -4.06
C TRP C 174 -9.35 32.99 -4.17
N ASP C 175 -9.82 33.28 -5.38
CA ASP C 175 -11.22 33.23 -5.77
C ASP C 175 -11.38 32.08 -6.75
N ILE C 176 -12.30 31.15 -6.44
CA ILE C 176 -12.48 29.95 -7.28
C ILE C 176 -13.02 30.32 -8.66
N GLU C 177 -14.01 31.21 -8.72
CA GLU C 177 -14.67 31.53 -9.98
C GLU C 177 -13.73 32.30 -10.92
N THR C 178 -13.13 33.38 -10.43
CA THR C 178 -12.26 34.19 -11.28
C THR C 178 -10.91 33.51 -11.50
N GLY C 179 -10.34 32.92 -10.46
CA GLY C 179 -9.03 32.30 -10.56
C GLY C 179 -7.87 33.23 -10.29
N GLN C 180 -8.12 34.48 -9.95
CA GLN C 180 -7.06 35.43 -9.69
C GLN C 180 -6.72 35.47 -8.21
N GLN C 181 -5.54 36.01 -7.91
CA GLN C 181 -5.02 36.12 -6.55
C GLN C 181 -5.66 37.35 -5.92
N THR C 182 -6.83 37.13 -5.33
CA THR C 182 -7.62 38.17 -4.65
C THR C 182 -6.85 38.96 -3.60
N THR C 183 -6.07 38.29 -2.75
CA THR C 183 -5.32 39.03 -1.73
C THR C 183 -4.04 38.29 -1.37
N THR C 184 -2.91 39.00 -1.27
CA THR C 184 -1.64 38.38 -0.95
C THR C 184 -1.05 38.97 0.34
N PHE C 185 -0.66 38.09 1.25
CA PHE C 185 -0.08 38.43 2.53
C PHE C 185 1.42 38.15 2.46
N THR C 186 2.24 39.19 2.65
CA THR C 186 3.68 39.11 2.43
C THR C 186 4.50 39.40 3.68
N GLY C 187 3.94 39.19 4.87
CA GLY C 187 4.64 39.53 6.10
C GLY C 187 5.84 38.66 6.41
N HIS C 188 5.73 37.35 6.12
CA HIS C 188 6.74 36.38 6.55
C HIS C 188 8.09 36.59 5.87
N THR C 189 9.16 36.27 6.60
CA THR C 189 10.53 36.34 6.11
C THR C 189 11.13 34.95 5.93
N GLY C 190 10.32 33.90 5.98
CA GLY C 190 10.78 32.55 5.82
C GLY C 190 9.69 31.75 5.11
N ASP C 191 10.05 30.55 4.69
CA ASP C 191 9.11 29.69 3.96
C ASP C 191 7.96 29.27 4.86
N VAL C 192 6.75 29.53 4.41
CA VAL C 192 5.56 29.23 5.21
C VAL C 192 5.22 27.75 5.04
N MET C 193 4.99 27.07 6.15
CA MET C 193 4.74 25.64 6.15
C MET C 193 3.36 25.25 6.64
N SER C 194 2.78 25.98 7.58
CA SER C 194 1.52 25.57 8.20
C SER C 194 0.50 26.68 8.13
N LEU C 195 -0.77 26.30 7.94
CA LEU C 195 -1.87 27.25 7.85
C LEU C 195 -3.07 26.68 8.58
N SER C 196 -3.71 27.49 9.41
CA SER C 196 -4.92 27.07 10.11
C SER C 196 -5.96 28.17 10.09
N LEU C 197 -7.22 27.77 10.06
CA LEU C 197 -8.36 28.67 9.95
C LEU C 197 -9.19 28.65 11.22
N ALA C 198 -9.68 29.82 11.62
CA ALA C 198 -10.53 29.99 12.78
C ALA C 198 -11.95 29.52 12.47
N PRO C 199 -12.72 29.08 13.48
CA PRO C 199 -14.09 28.64 13.21
C PRO C 199 -15.04 29.76 12.78
N ASP C 200 -14.81 31.00 13.19
CA ASP C 200 -15.68 32.09 12.76
C ASP C 200 -15.38 32.56 11.33
N THR C 201 -14.30 32.04 10.72
CA THR C 201 -13.93 32.24 9.32
C THR C 201 -13.70 33.73 9.03
N ARG C 202 -12.87 34.35 9.87
CA ARG C 202 -12.51 35.75 9.68
C ARG C 202 -11.01 35.97 9.80
N LEU C 203 -10.35 35.15 10.60
CA LEU C 203 -8.92 35.28 10.86
C LEU C 203 -8.25 33.93 10.65
N PHE C 204 -6.95 33.96 10.37
CA PHE C 204 -6.23 32.71 10.18
C PHE C 204 -4.77 32.87 10.58
N VAL C 205 -4.16 31.76 11.02
CA VAL C 205 -2.78 31.77 11.50
C VAL C 205 -1.89 31.03 10.52
N SER C 206 -0.71 31.58 10.28
CA SER C 206 0.29 30.99 9.39
C SER C 206 1.61 30.84 10.13
N GLY C 207 2.16 29.63 10.12
CA GLY C 207 3.44 29.35 10.75
C GLY C 207 4.48 29.04 9.69
N ALA C 208 5.62 29.73 9.78
CA ALA C 208 6.68 29.66 8.79
C ALA C 208 7.96 29.11 9.41
N CYS C 209 9.02 29.11 8.61
CA CYS C 209 10.34 28.65 9.01
C CYS C 209 11.19 29.76 9.64
N ASP C 210 10.62 30.94 9.87
CA ASP C 210 11.33 31.98 10.60
C ASP C 210 11.05 31.95 12.09
N ALA C 211 10.57 30.81 12.60
CA ALA C 211 10.25 30.57 14.01
C ALA C 211 9.25 31.58 14.56
N SER C 212 8.24 31.91 13.76
CA SER C 212 7.23 32.87 14.16
C SER C 212 5.90 32.49 13.53
N ALA C 213 4.82 32.66 14.30
CA ALA C 213 3.46 32.43 13.84
C ALA C 213 2.74 33.77 13.73
N LYS C 214 2.12 34.03 12.60
CA LYS C 214 1.49 35.31 12.32
C LYS C 214 -0.02 35.17 12.18
N LEU C 215 -0.73 36.13 12.76
CA LEU C 215 -2.18 36.19 12.71
C LEU C 215 -2.59 37.15 11.60
N TRP C 216 -3.50 36.71 10.74
CA TRP C 216 -3.90 37.46 9.57
C TRP C 216 -5.41 37.63 9.55
N ASP C 217 -5.85 38.72 8.92
CA ASP C 217 -7.26 39.02 8.76
C ASP C 217 -7.65 38.77 7.31
N VAL C 218 -8.80 38.13 7.11
CA VAL C 218 -9.25 37.76 5.77
C VAL C 218 -9.70 38.98 4.99
N ARG C 219 -10.64 39.75 5.55
CA ARG C 219 -11.28 40.82 4.79
C ARG C 219 -10.38 42.05 4.68
N GLU C 220 -9.73 42.45 5.77
CA GLU C 220 -8.89 43.64 5.76
C GLU C 220 -7.60 43.40 5.00
N GLY C 221 -6.82 42.42 5.43
CA GLY C 221 -5.67 41.97 4.67
C GLY C 221 -4.30 42.20 5.28
N MET C 222 -4.20 42.59 6.55
CA MET C 222 -2.92 42.86 7.15
C MET C 222 -2.70 41.97 8.37
N CYS C 223 -1.44 41.88 8.80
CA CYS C 223 -1.07 41.04 9.93
C CYS C 223 -1.45 41.71 11.23
N ARG C 224 -2.16 40.99 12.09
CA ARG C 224 -2.55 41.52 13.38
C ARG C 224 -1.42 41.38 14.40
N GLN C 225 -1.00 40.15 14.67
CA GLN C 225 -0.02 39.86 15.71
C GLN C 225 1.03 38.88 15.20
N THR C 226 2.18 38.87 15.86
CA THR C 226 3.26 37.94 15.58
C THR C 226 3.71 37.27 16.87
N PHE C 227 4.15 36.02 16.75
CA PHE C 227 4.55 35.21 17.89
C PHE C 227 5.91 34.60 17.60
N THR C 228 6.91 34.94 18.42
CA THR C 228 8.29 34.56 18.18
C THR C 228 8.85 33.68 19.29
N GLY C 229 8.05 32.72 19.77
CA GLY C 229 8.49 31.88 20.87
C GLY C 229 9.44 30.77 20.45
N HIS C 230 9.16 30.14 19.31
CA HIS C 230 9.89 28.94 18.89
C HIS C 230 11.34 29.23 18.54
N GLU C 231 12.16 28.18 18.64
CA GLU C 231 13.58 28.21 18.35
C GLU C 231 13.90 27.58 16.99
N SER C 232 12.89 27.07 16.28
CA SER C 232 13.14 26.37 15.03
C SER C 232 11.89 26.47 14.15
N ASP C 233 12.00 25.90 12.96
CA ASP C 233 10.97 25.89 11.92
C ASP C 233 9.63 25.36 12.41
N ILE C 234 8.60 26.21 12.37
CA ILE C 234 7.27 25.82 12.80
C ILE C 234 6.62 25.03 11.66
N ASN C 235 6.35 23.76 11.89
CA ASN C 235 5.78 22.88 10.88
C ASN C 235 4.26 22.73 10.97
N ALA C 236 3.68 22.87 12.15
CA ALA C 236 2.25 22.66 12.32
C ALA C 236 1.62 23.80 13.12
N ILE C 237 0.37 24.11 12.80
CA ILE C 237 -0.38 25.11 13.52
C ILE C 237 -1.85 24.68 13.53
N CYS C 238 -2.55 24.96 14.63
CA CYS C 238 -3.94 24.57 14.77
C CYS C 238 -4.67 25.44 15.78
N PHE C 239 -5.87 25.92 15.41
CA PHE C 239 -6.64 26.77 16.31
C PHE C 239 -7.33 25.97 17.40
N PHE C 240 -7.41 26.58 18.58
CA PHE C 240 -8.23 26.09 19.67
C PHE C 240 -9.70 26.24 19.27
N PRO C 241 -10.59 25.35 19.73
CA PRO C 241 -12.00 25.42 19.31
C PRO C 241 -12.72 26.71 19.70
N ASN C 242 -12.31 27.36 20.80
CA ASN C 242 -12.85 28.67 21.16
C ASN C 242 -12.52 29.71 20.10
N GLY C 243 -11.33 29.63 19.52
CA GLY C 243 -10.88 30.59 18.53
C GLY C 243 -10.03 31.70 19.09
N ASN C 244 -9.73 31.69 20.39
CA ASN C 244 -8.90 32.70 21.02
C ASN C 244 -7.48 32.22 21.27
N ALA C 245 -7.13 31.00 20.85
CA ALA C 245 -5.80 30.48 21.06
C ALA C 245 -5.46 29.52 19.92
N PHE C 246 -4.17 29.24 19.78
CA PHE C 246 -3.70 28.30 18.76
C PHE C 246 -2.42 27.64 19.24
N ALA C 247 -2.19 26.42 18.78
CA ALA C 247 -1.02 25.64 19.15
C ALA C 247 -0.14 25.43 17.93
N THR C 248 1.17 25.45 18.16
CA THR C 248 2.18 25.31 17.12
C THR C 248 3.13 24.18 17.49
N GLY C 249 3.50 23.41 16.47
CA GLY C 249 4.48 22.36 16.65
C GLY C 249 5.64 22.55 15.69
N SER C 250 6.85 22.57 16.23
CA SER C 250 8.06 22.87 15.47
C SER C 250 9.07 21.73 15.60
N ASP C 251 10.25 21.95 15.02
CA ASP C 251 11.29 20.94 14.98
C ASP C 251 12.11 20.83 16.26
N ASP C 252 11.88 21.71 17.24
CA ASP C 252 12.61 21.65 18.51
C ASP C 252 11.89 20.82 19.56
N ALA C 253 11.03 19.88 19.13
CA ALA C 253 10.29 18.94 19.99
C ALA C 253 9.43 19.66 21.03
N THR C 254 8.80 20.76 20.62
CA THR C 254 8.06 21.60 21.56
C THR C 254 6.78 22.08 20.91
N CYS C 255 5.65 21.79 21.56
CA CYS C 255 4.35 22.35 21.21
C CYS C 255 4.08 23.56 22.09
N ARG C 256 3.81 24.70 21.48
CA ARG C 256 3.60 25.93 22.21
C ARG C 256 2.20 26.47 21.95
N LEU C 257 1.51 26.87 23.03
CA LEU C 257 0.16 27.40 22.96
C LEU C 257 0.23 28.92 23.08
N PHE C 258 -0.28 29.63 22.09
CA PHE C 258 -0.29 31.08 22.00
C PHE C 258 -1.71 31.63 22.06
N ASP C 259 -1.91 32.69 22.83
CA ASP C 259 -3.21 33.33 22.94
C ASP C 259 -3.27 34.53 22.00
N LEU C 260 -4.43 34.74 21.39
CA LEU C 260 -4.60 35.89 20.52
C LEU C 260 -4.84 37.16 21.32
N ARG C 261 -5.60 37.06 22.40
CA ARG C 261 -5.91 38.23 23.21
C ARG C 261 -4.76 38.62 24.12
N ALA C 262 -4.10 37.64 24.75
CA ALA C 262 -3.00 37.94 25.64
C ALA C 262 -1.69 38.17 24.91
N ASP C 263 -1.56 37.64 23.69
CA ASP C 263 -0.39 37.78 22.81
C ASP C 263 0.90 37.30 23.50
N GLN C 264 0.86 36.05 23.95
CA GLN C 264 2.00 35.47 24.66
C GLN C 264 1.85 33.94 24.61
N GLU C 265 2.94 33.25 24.92
CA GLU C 265 2.96 31.79 24.97
C GLU C 265 2.63 31.34 26.38
N LEU C 266 1.46 30.72 26.56
CA LEU C 266 1.02 30.29 27.89
C LEU C 266 1.90 29.20 28.47
N MET C 267 2.20 28.16 27.67
CA MET C 267 3.03 27.06 28.13
C MET C 267 3.57 26.28 26.93
N THR C 268 4.58 25.46 27.22
CA THR C 268 5.30 24.66 26.24
C THR C 268 5.15 23.19 26.61
N TYR C 269 4.87 22.35 25.62
CA TYR C 269 4.68 20.92 25.84
C TYR C 269 5.92 20.21 25.28
N SER C 270 6.81 19.78 26.17
CA SER C 270 8.04 19.11 25.77
C SER C 270 8.38 18.04 26.80
N HIS C 271 9.17 17.07 26.35
CA HIS C 271 9.65 16.01 27.22
C HIS C 271 11.10 15.73 26.87
N ASP C 272 11.86 15.23 27.86
CA ASP C 272 13.30 15.02 27.68
C ASP C 272 13.59 13.91 26.68
N ASN C 273 12.80 12.83 26.70
CA ASN C 273 13.04 11.74 25.77
C ASN C 273 12.74 12.13 24.33
N ILE C 274 11.83 13.09 24.13
CA ILE C 274 11.45 13.52 22.79
C ILE C 274 12.47 14.54 22.28
N ILE C 275 13.07 14.24 21.13
CA ILE C 275 14.05 15.13 20.51
C ILE C 275 13.68 15.41 19.05
N CYS C 276 12.71 14.67 18.54
CA CYS C 276 12.32 14.74 17.14
C CYS C 276 11.33 15.88 16.88
N GLY C 277 11.18 16.22 15.58
CA GLY C 277 10.30 17.29 15.18
C GLY C 277 8.83 16.90 15.18
N ILE C 278 7.98 17.93 15.13
CA ILE C 278 6.54 17.78 15.20
C ILE C 278 5.95 18.07 13.83
N THR C 279 5.32 17.07 13.20
CA THR C 279 4.74 17.27 11.88
C THR C 279 3.35 17.90 11.95
N SER C 280 2.49 17.42 12.84
CA SER C 280 1.10 17.86 12.83
C SER C 280 0.52 17.92 14.24
N VAL C 281 -0.24 18.99 14.53
CA VAL C 281 -0.91 19.18 15.81
C VAL C 281 -2.39 19.47 15.58
N SER C 282 -3.25 18.85 16.39
CA SER C 282 -4.69 19.04 16.34
C SER C 282 -5.26 19.12 17.74
N PHE C 283 -6.47 19.66 17.84
CA PHE C 283 -7.17 19.79 19.11
C PHE C 283 -8.40 18.91 19.12
N SER C 284 -8.82 18.52 20.32
CA SER C 284 -10.08 17.81 20.50
C SER C 284 -11.24 18.81 20.45
N LYS C 285 -12.46 18.28 20.44
CA LYS C 285 -13.65 19.13 20.39
C LYS C 285 -13.76 20.01 21.64
N SER C 286 -13.52 19.43 22.81
CA SER C 286 -13.49 20.22 24.04
C SER C 286 -12.30 21.16 24.06
N GLY C 287 -11.16 20.70 23.54
CA GLY C 287 -9.92 21.46 23.63
C GLY C 287 -9.02 21.06 24.77
N ARG C 288 -9.46 20.11 25.60
CA ARG C 288 -8.65 19.65 26.72
C ARG C 288 -7.43 18.86 26.23
N LEU C 289 -7.58 18.11 25.15
CA LEU C 289 -6.52 17.25 24.65
C LEU C 289 -5.87 17.85 23.42
N LEU C 290 -4.54 17.91 23.41
CA LEU C 290 -3.77 18.35 22.26
C LEU C 290 -3.07 17.12 21.70
N LEU C 291 -3.40 16.75 20.46
CA LEU C 291 -2.81 15.59 19.84
C LEU C 291 -1.68 16.06 18.92
N ALA C 292 -0.51 15.43 19.01
CA ALA C 292 0.60 15.87 18.19
C ALA C 292 1.37 14.69 17.63
N GLY C 293 1.50 14.65 16.30
CA GLY C 293 2.35 13.66 15.67
C GLY C 293 3.81 13.97 15.88
N TYR C 294 4.65 12.96 15.68
CA TYR C 294 6.08 13.10 15.89
C TYR C 294 6.84 12.32 14.83
N ASP C 295 8.13 12.65 14.69
CA ASP C 295 8.97 11.96 13.73
C ASP C 295 9.38 10.58 14.20
N ASP C 296 9.38 10.31 15.51
CA ASP C 296 9.82 9.00 16.00
C ASP C 296 8.68 8.00 16.08
N PHE C 297 7.92 7.92 14.98
CA PHE C 297 6.96 6.85 14.68
C PHE C 297 5.82 6.82 15.70
N ASN C 298 5.44 7.99 16.20
CA ASN C 298 4.66 8.03 17.43
C ASN C 298 3.72 9.23 17.42
N CYS C 299 2.68 9.16 18.27
CA CYS C 299 1.71 10.23 18.47
C CYS C 299 1.52 10.45 19.96
N ASN C 300 1.63 11.70 20.41
CA ASN C 300 1.49 12.01 21.83
C ASN C 300 0.23 12.82 22.08
N VAL C 301 -0.67 12.27 22.90
CA VAL C 301 -1.89 12.96 23.32
C VAL C 301 -1.55 13.70 24.61
N TRP C 302 -1.07 14.94 24.45
CA TRP C 302 -0.75 15.84 25.54
C TRP C 302 -2.03 16.42 26.15
N ASP C 303 -1.93 16.84 27.40
CA ASP C 303 -3.02 17.55 28.06
C ASP C 303 -2.78 19.04 27.88
N ALA C 304 -3.77 19.75 27.33
CA ALA C 304 -3.58 21.14 26.95
C ALA C 304 -3.55 22.09 28.13
N LEU C 305 -3.93 21.64 29.32
CA LEU C 305 -3.97 22.51 30.50
C LEU C 305 -2.95 22.14 31.57
N LYS C 306 -2.68 20.86 31.76
CA LYS C 306 -1.76 20.43 32.81
C LYS C 306 -0.33 20.26 32.32
N ALA C 307 -0.09 20.39 31.00
CA ALA C 307 1.20 20.14 30.35
C ALA C 307 1.74 18.74 30.65
N ASP C 308 0.84 17.77 30.68
CA ASP C 308 1.20 16.38 30.96
C ASP C 308 0.79 15.51 29.77
N ARG C 309 1.41 14.34 29.68
CA ARG C 309 1.12 13.41 28.59
C ARG C 309 -0.04 12.54 29.01
N ALA C 310 -1.22 12.81 28.45
CA ALA C 310 -2.40 12.00 28.74
C ALA C 310 -2.23 10.59 28.19
N GLY C 311 -1.71 10.47 26.98
CA GLY C 311 -1.55 9.13 26.42
C GLY C 311 -0.57 9.11 25.27
N VAL C 312 -0.29 7.88 24.82
CA VAL C 312 0.61 7.66 23.70
C VAL C 312 -0.15 6.79 22.70
N LEU C 313 0.10 7.02 21.41
CA LEU C 313 -0.46 6.25 20.32
C LEU C 313 0.69 5.78 19.44
N ALA C 314 0.97 4.48 19.44
CA ALA C 314 2.17 3.94 18.82
C ALA C 314 1.86 2.93 17.73
N GLY C 315 0.82 3.18 16.94
CA GLY C 315 0.41 2.24 15.92
C GLY C 315 1.26 2.23 14.67
N HIS C 316 1.68 3.40 14.19
CA HIS C 316 2.29 3.52 12.88
C HIS C 316 3.72 2.98 12.85
N ASP C 317 4.13 2.55 11.66
CA ASP C 317 5.45 1.98 11.42
C ASP C 317 6.42 2.99 10.82
N ASN C 318 5.94 4.18 10.46
CA ASN C 318 6.79 5.20 9.88
C ASN C 318 6.27 6.56 10.36
N ARG C 319 7.03 7.62 10.04
CA ARG C 319 6.79 8.99 10.48
C ARG C 319 5.38 9.48 10.22
N VAL C 320 4.71 9.90 11.29
CA VAL C 320 3.34 10.43 11.22
C VAL C 320 3.40 11.83 10.63
N SER C 321 2.86 12.00 9.43
CA SER C 321 2.90 13.28 8.74
C SER C 321 1.60 14.09 8.80
N CYS C 322 0.46 13.44 9.02
CA CYS C 322 -0.82 14.16 9.04
C CYS C 322 -1.69 13.62 10.16
N LEU C 323 -2.41 14.52 10.83
CA LEU C 323 -3.26 14.14 11.93
C LEU C 323 -4.46 15.07 11.98
N GLY C 324 -5.66 14.52 12.03
CA GLY C 324 -6.87 15.32 12.05
C GLY C 324 -7.88 14.77 13.03
N VAL C 325 -8.72 15.67 13.54
CA VAL C 325 -9.78 15.34 14.49
C VAL C 325 -11.10 15.83 13.92
N THR C 326 -12.13 14.98 14.00
CA THR C 326 -13.44 15.25 13.42
C THR C 326 -14.11 16.46 14.07
N ASP C 327 -15.14 16.97 13.39
CA ASP C 327 -15.83 18.16 13.87
C ASP C 327 -16.67 17.86 15.11
N ASP C 328 -17.24 16.66 15.19
CA ASP C 328 -17.95 16.24 16.39
C ASP C 328 -17.03 15.61 17.42
N GLY C 329 -15.72 15.60 17.17
CA GLY C 329 -14.75 15.08 18.14
C GLY C 329 -14.81 13.59 18.35
N MET C 330 -15.40 12.85 17.43
CA MET C 330 -15.64 11.43 17.66
C MET C 330 -14.37 10.62 17.54
N ALA C 331 -13.51 10.95 16.58
CA ALA C 331 -12.31 10.15 16.33
C ALA C 331 -11.20 11.03 15.78
N VAL C 332 -10.01 10.43 15.70
CA VAL C 332 -8.81 11.10 15.19
C VAL C 332 -8.15 10.19 14.16
N ALA C 333 -7.94 10.71 12.95
CA ALA C 333 -7.31 9.97 11.89
C ALA C 333 -5.86 10.41 11.78
N THR C 334 -4.95 9.44 11.76
CA THR C 334 -3.52 9.70 11.64
C THR C 334 -2.99 8.96 10.42
N GLY C 335 -2.20 9.66 9.61
CA GLY C 335 -1.52 9.04 8.49
C GLY C 335 -0.02 9.09 8.72
N SER C 336 0.69 8.37 7.87
CA SER C 336 2.13 8.26 8.01
C SER C 336 2.72 7.87 6.66
N TRP C 337 4.02 7.61 6.65
CA TRP C 337 4.74 7.35 5.42
C TRP C 337 4.84 5.86 5.08
N ASP C 338 4.15 5.01 5.84
CA ASP C 338 4.06 3.60 5.50
C ASP C 338 2.81 3.26 4.69
N SER C 339 2.10 4.29 4.21
CA SER C 339 0.85 4.17 3.43
C SER C 339 -0.27 3.50 4.22
N PHE C 340 -0.55 4.03 5.41
CA PHE C 340 -1.65 3.54 6.23
C PHE C 340 -2.28 4.70 6.98
N LEU C 341 -3.61 4.74 7.00
CA LEU C 341 -4.38 5.70 7.77
C LEU C 341 -5.08 4.97 8.91
N LYS C 342 -4.94 5.43 10.14
CA LYS C 342 -5.54 4.76 11.27
C LYS C 342 -6.54 5.68 11.96
N ILE C 343 -7.70 5.12 12.31
CA ILE C 343 -8.75 5.86 13.00
C ILE C 343 -8.74 5.40 14.45
N TRP C 344 -8.56 6.36 15.36
CA TRP C 344 -8.48 6.12 16.80
C TRP C 344 -9.58 6.86 17.53
N ASN C 345 -10.20 6.21 18.51
CA ASN C 345 -11.13 6.92 19.40
C ASN C 345 -11.13 6.38 20.84
N SER D 1 10.98 -69.58 8.31
CA SER D 1 11.54 -68.38 8.88
C SER D 1 10.52 -67.75 9.84
N VAL D 2 9.48 -67.08 9.34
CA VAL D 2 8.53 -66.50 10.26
C VAL D 2 7.16 -66.50 9.74
N GLN D 3 6.66 -65.31 9.42
CA GLN D 3 5.38 -65.22 8.77
C GLN D 3 5.76 -65.72 7.43
N LEU D 4 7.05 -65.64 7.10
CA LEU D 4 7.53 -66.21 5.87
C LEU D 4 7.27 -67.71 5.80
N THR D 5 7.12 -68.40 6.94
CA THR D 5 6.84 -69.81 6.96
C THR D 5 5.41 -69.86 6.54
N GLU D 6 4.63 -68.99 7.07
CA GLU D 6 3.25 -68.84 6.63
C GLU D 6 3.25 -68.70 5.12
N LYS D 7 4.02 -67.71 4.63
CA LYS D 7 4.16 -67.53 3.19
C LYS D 7 4.78 -68.76 2.52
N ARG D 8 5.59 -69.54 3.28
CA ARG D 8 6.10 -70.80 2.75
C ARG D 8 4.93 -71.73 2.48
N MET D 9 4.00 -71.80 3.44
CA MET D 9 2.79 -72.58 3.28
C MET D 9 1.89 -71.94 2.22
N ASP D 10 2.12 -70.66 1.92
CA ASP D 10 1.34 -69.94 0.92
C ASP D 10 2.13 -69.88 -0.39
N LYS D 11 2.96 -70.91 -0.60
CA LYS D 11 3.68 -71.13 -1.86
C LYS D 11 3.68 -72.60 -2.26
N VAL D 12 3.61 -73.51 -1.29
CA VAL D 12 3.48 -74.96 -1.53
C VAL D 12 2.33 -75.25 -2.49
N GLY D 13 1.19 -74.59 -2.28
CA GLY D 13 0.04 -74.74 -3.15
C GLY D 13 -0.41 -73.45 -3.80
N LYS D 14 0.50 -72.47 -3.90
CA LYS D 14 0.31 -71.34 -4.80
C LYS D 14 0.85 -71.66 -6.19
N TYR D 15 1.69 -72.68 -6.27
CA TYR D 15 2.28 -73.24 -7.48
C TYR D 15 2.10 -74.75 -7.35
N PRO D 16 1.87 -75.46 -8.47
CA PRO D 16 1.69 -76.92 -8.39
C PRO D 16 2.87 -77.65 -7.78
N LYS D 17 2.56 -78.63 -6.92
CA LYS D 17 3.56 -79.33 -6.13
C LYS D 17 4.35 -80.26 -7.04
N GLU D 18 5.55 -79.83 -7.44
CA GLU D 18 6.44 -80.74 -8.13
C GLU D 18 7.19 -81.60 -7.13
N LEU D 19 8.00 -80.98 -6.27
CA LEU D 19 8.67 -81.66 -5.18
C LEU D 19 8.64 -80.73 -3.97
N ARG D 20 7.86 -81.11 -2.95
CA ARG D 20 7.78 -80.34 -1.72
C ARG D 20 9.12 -80.24 -1.01
N LYS D 21 9.89 -81.34 -1.01
CA LYS D 21 11.20 -81.37 -0.37
C LYS D 21 12.18 -80.40 -1.02
N CYS D 22 12.21 -80.34 -2.36
CA CYS D 22 13.18 -79.47 -3.05
C CYS D 22 12.91 -78.00 -2.73
N CYS D 23 11.64 -77.58 -2.85
CA CYS D 23 11.29 -76.19 -2.59
C CYS D 23 11.49 -75.84 -1.12
N GLU D 24 11.09 -76.77 -0.23
CA GLU D 24 11.21 -76.52 1.21
C GLU D 24 12.68 -76.36 1.58
N ASP D 25 13.55 -77.22 1.02
CA ASP D 25 14.97 -77.14 1.30
C ASP D 25 15.53 -75.82 0.79
N GLY D 26 15.03 -75.39 -0.38
CA GLY D 26 15.46 -74.11 -0.94
C GLY D 26 15.11 -72.94 -0.05
N MET D 27 13.95 -73.03 0.62
CA MET D 27 13.50 -71.95 1.48
C MET D 27 14.09 -72.02 2.89
N ARG D 28 15.03 -72.92 3.15
CA ARG D 28 15.65 -73.01 4.46
C ARG D 28 16.60 -71.84 4.70
N GLU D 29 16.88 -71.61 5.98
CA GLU D 29 17.70 -70.49 6.37
C GLU D 29 19.05 -70.66 5.88
N ASN D 30 19.84 -69.63 6.04
CA ASN D 30 21.11 -69.68 5.41
C ASN D 30 22.28 -69.55 6.25
N PRO D 31 22.70 -70.67 6.85
CA PRO D 31 23.96 -70.51 7.55
C PRO D 31 24.96 -70.34 6.43
N MET D 32 24.71 -71.00 5.29
CA MET D 32 25.57 -70.79 4.15
C MET D 32 24.84 -69.84 3.26
N ARG D 33 24.64 -68.64 3.77
CA ARG D 33 23.91 -67.67 3.04
C ARG D 33 24.62 -67.28 1.88
N PHE D 34 25.62 -68.06 1.55
CA PHE D 34 26.37 -67.56 0.48
C PHE D 34 25.53 -67.18 -0.69
N SER D 35 24.50 -67.97 -1.04
CA SER D 35 23.59 -67.53 -2.07
C SER D 35 22.64 -68.50 -2.54
N CYS D 36 21.97 -68.10 -3.62
CA CYS D 36 21.01 -68.96 -4.25
C CYS D 36 21.72 -69.68 -5.34
N GLN D 37 21.91 -69.01 -6.47
CA GLN D 37 22.59 -69.60 -7.59
C GLN D 37 23.55 -70.68 -7.20
N ARG D 38 24.51 -70.39 -6.35
CA ARG D 38 25.53 -71.35 -6.00
C ARG D 38 25.03 -72.65 -5.42
N ARG D 39 24.10 -72.62 -4.51
CA ARG D 39 23.57 -73.79 -3.81
C ARG D 39 23.01 -74.86 -4.74
N THR D 40 22.79 -74.57 -6.02
CA THR D 40 22.29 -75.57 -6.95
C THR D 40 23.40 -76.43 -7.55
N ARG D 41 24.66 -76.13 -7.26
CA ARG D 41 25.77 -76.82 -7.90
C ARG D 41 26.09 -78.17 -7.27
N PHE D 42 25.62 -78.45 -6.05
CA PHE D 42 25.98 -79.69 -5.37
C PHE D 42 24.76 -80.43 -4.84
N ILE D 43 23.57 -80.17 -5.37
CA ILE D 43 22.38 -80.90 -4.96
C ILE D 43 22.39 -82.30 -5.57
N ALA D 48 14.66 -81.91 -12.46
CA ALA D 48 14.15 -80.55 -12.53
C ALA D 48 14.09 -79.92 -11.14
N CYS D 49 14.75 -80.58 -10.17
CA CYS D 49 14.81 -80.04 -8.82
C CYS D 49 15.62 -78.75 -8.76
N LYS D 50 16.67 -78.65 -9.59
CA LYS D 50 17.53 -77.47 -9.65
C LYS D 50 16.76 -76.18 -9.95
N LYS D 51 15.98 -76.18 -11.05
CA LYS D 51 15.23 -74.99 -11.47
C LYS D 51 14.21 -74.57 -10.42
N VAL D 52 13.46 -75.55 -9.88
CA VAL D 52 12.45 -75.28 -8.86
C VAL D 52 13.13 -74.74 -7.62
N PHE D 53 14.28 -75.32 -7.27
CA PHE D 53 15.06 -74.92 -6.10
C PHE D 53 15.48 -73.46 -6.24
N LEU D 54 15.98 -73.10 -7.43
CA LEU D 54 16.42 -71.73 -7.69
C LEU D 54 15.27 -70.75 -7.57
N ASP D 55 14.11 -71.08 -8.16
CA ASP D 55 12.96 -70.18 -8.10
C ASP D 55 12.46 -69.98 -6.67
N CYS D 56 12.37 -71.09 -5.90
CA CYS D 56 11.92 -71.01 -4.52
C CYS D 56 12.89 -70.18 -3.69
N CYS D 57 14.19 -70.39 -3.90
CA CYS D 57 15.22 -69.65 -3.18
C CYS D 57 15.10 -68.16 -3.47
N ASN D 58 14.92 -67.81 -4.76
CA ASN D 58 14.83 -66.41 -5.16
C ASN D 58 13.64 -65.74 -4.49
N TYR D 59 12.48 -66.41 -4.50
CA TYR D 59 11.27 -65.85 -3.91
C TYR D 59 11.42 -65.64 -2.41
N ILE D 60 11.94 -66.67 -1.70
CA ILE D 60 12.08 -66.57 -0.25
C ILE D 60 13.10 -65.50 0.12
N THR D 61 14.21 -65.43 -0.64
CA THR D 61 15.28 -64.46 -0.36
C THR D 61 14.74 -63.05 -0.54
N GLU D 62 14.14 -62.84 -1.68
CA GLU D 62 13.68 -61.53 -1.96
C GLU D 62 12.80 -61.23 -0.83
N LEU D 63 12.21 -62.22 -0.23
CA LEU D 63 11.25 -61.82 0.75
C LEU D 63 11.72 -61.61 2.11
N ARG D 64 12.88 -62.08 2.46
CA ARG D 64 13.22 -61.88 3.83
C ARG D 64 13.73 -60.53 3.83
N ARG D 65 14.18 -60.09 2.68
CA ARG D 65 14.78 -58.80 2.62
C ARG D 65 13.73 -57.79 2.73
N GLN D 66 12.65 -57.97 1.99
CA GLN D 66 11.61 -56.96 1.97
C GLN D 66 11.16 -56.80 3.36
N HIS D 67 11.54 -57.67 4.26
CA HIS D 67 11.18 -57.40 5.64
C HIS D 67 12.31 -56.65 6.16
N ALA D 68 13.50 -57.15 5.94
CA ALA D 68 14.65 -56.47 6.54
C ALA D 68 14.61 -54.98 6.22
N ARG D 69 14.38 -54.63 4.94
CA ARG D 69 14.30 -53.22 4.53
C ARG D 69 13.19 -52.51 5.29
N ALA D 70 12.02 -53.18 5.41
CA ALA D 70 10.87 -52.60 6.07
C ALA D 70 11.14 -52.31 7.55
N SER D 71 11.94 -53.18 8.19
CA SER D 71 12.18 -53.10 9.63
C SER D 71 12.77 -51.75 10.08
N HIS D 72 13.73 -51.21 9.32
CA HIS D 72 14.39 -49.97 9.69
C HIS D 72 14.07 -48.80 8.77
N LEU D 73 13.10 -48.94 7.87
CA LEU D 73 12.83 -47.89 6.89
C LEU D 73 12.22 -46.65 7.55
N GLY D 74 12.79 -45.49 7.25
CA GLY D 74 12.27 -44.25 7.79
C GLY D 74 11.07 -43.74 7.01
N LEU D 75 10.37 -42.78 7.62
CA LEU D 75 9.19 -42.21 6.99
C LEU D 75 9.55 -41.37 5.77
N ALA D 76 10.66 -40.63 5.83
CA ALA D 76 11.01 -39.69 4.77
C ALA D 76 11.39 -40.40 3.46
N ARG D 77 12.00 -41.58 3.55
CA ARG D 77 12.34 -42.38 2.38
C ARG D 77 11.10 -42.78 1.56
N ASN E 4 19.49 49.30 -1.90
CA ASN E 4 19.43 50.62 -1.28
C ASN E 4 17.98 51.07 -1.12
N THR E 5 17.29 51.27 -2.25
CA THR E 5 15.89 51.68 -2.19
C THR E 5 14.99 50.54 -1.74
N ALA E 6 15.27 49.32 -2.22
CA ALA E 6 14.49 48.16 -1.79
C ALA E 6 14.63 47.88 -0.30
N SER E 7 15.86 47.95 0.21
CA SER E 7 16.09 47.73 1.65
C SER E 7 15.44 48.82 2.51
N ILE E 8 15.53 50.09 2.10
CA ILE E 8 14.89 51.16 2.86
C ILE E 8 13.37 50.98 2.84
N ALA E 9 12.80 50.60 1.68
CA ALA E 9 11.36 50.36 1.57
C ALA E 9 10.92 49.23 2.50
N GLN E 10 11.66 48.12 2.48
CA GLN E 10 11.36 46.97 3.34
C GLN E 10 11.47 47.35 4.81
N ALA E 11 12.50 48.12 5.17
CA ALA E 11 12.68 48.55 6.56
C ALA E 11 11.53 49.45 7.00
N ARG E 12 11.10 50.38 6.13
CA ARG E 12 9.99 51.27 6.47
C ARG E 12 8.71 50.48 6.67
N LYS E 13 8.44 49.52 5.78
CA LYS E 13 7.24 48.68 5.88
C LYS E 13 7.28 47.87 7.17
N LEU E 14 8.45 47.33 7.52
CA LEU E 14 8.61 46.55 8.75
C LEU E 14 8.35 47.40 9.99
N VAL E 15 8.88 48.63 10.00
CA VAL E 15 8.68 49.53 11.14
C VAL E 15 7.20 49.90 11.26
N GLU E 16 6.54 50.19 10.13
CA GLU E 16 5.11 50.54 10.15
C GLU E 16 4.27 49.37 10.64
N GLN E 17 4.62 48.15 10.22
CA GLN E 17 3.90 46.95 10.62
C GLN E 17 4.06 46.71 12.12
N LEU E 18 5.32 46.62 12.58
CA LEU E 18 5.62 46.41 13.99
C LEU E 18 4.98 47.46 14.88
N LYS E 19 4.97 48.74 14.45
CA LYS E 19 4.28 49.79 15.19
C LYS E 19 2.79 49.54 15.27
N MET E 20 2.17 49.12 14.16
CA MET E 20 0.74 48.82 14.15
C MET E 20 0.43 47.65 15.07
N GLU E 21 1.30 46.63 15.07
CA GLU E 21 1.15 45.50 15.98
C GLU E 21 1.27 45.94 17.43
N ALA E 22 2.21 46.84 17.72
CA ALA E 22 2.40 47.35 19.07
C ALA E 22 1.19 48.15 19.55
N ASN E 23 0.47 48.81 18.63
CA ASN E 23 -0.67 49.64 19.03
C ASN E 23 -1.89 48.85 19.49
N ILE E 24 -1.89 47.51 19.42
CA ILE E 24 -3.08 46.74 19.74
C ILE E 24 -3.28 46.71 21.26
N ASP E 25 -4.54 46.56 21.68
CA ASP E 25 -4.88 46.45 23.09
C ASP E 25 -4.66 45.01 23.58
N ARG E 26 -4.46 44.87 24.89
CA ARG E 26 -4.13 43.61 25.51
C ARG E 26 -4.99 43.38 26.74
N ILE E 27 -5.19 42.10 27.08
CA ILE E 27 -5.85 41.72 28.33
C ILE E 27 -4.91 40.79 29.08
N LYS E 28 -5.18 40.63 30.37
CA LYS E 28 -4.28 39.91 31.27
C LYS E 28 -4.25 38.42 30.96
N VAL E 29 -3.14 37.79 31.36
CA VAL E 29 -2.92 36.37 31.08
C VAL E 29 -3.85 35.51 31.93
N SER E 30 -4.03 35.88 33.20
CA SER E 30 -4.93 35.19 34.12
C SER E 30 -6.35 35.06 33.56
N LYS E 31 -6.89 36.15 33.01
CA LYS E 31 -8.25 36.13 32.47
C LYS E 31 -8.36 35.21 31.25
N ALA E 32 -7.38 35.25 30.35
CA ALA E 32 -7.38 34.36 29.19
C ALA E 32 -7.24 32.90 29.61
N ALA E 33 -6.40 32.63 30.61
CA ALA E 33 -6.25 31.28 31.15
C ALA E 33 -7.55 30.78 31.77
N ALA E 34 -8.23 31.65 32.51
CA ALA E 34 -9.52 31.30 33.11
C ALA E 34 -10.58 31.05 32.04
N ASP E 35 -10.57 31.85 30.97
CA ASP E 35 -11.51 31.65 29.87
C ASP E 35 -11.26 30.33 29.16
N LEU E 36 -9.99 29.97 28.90
CA LEU E 36 -9.69 28.68 28.30
C LEU E 36 -10.08 27.52 29.21
N MET E 37 -9.80 27.65 30.51
CA MET E 37 -10.20 26.62 31.47
C MET E 37 -11.72 26.47 31.54
N ALA E 38 -12.44 27.58 31.52
CA ALA E 38 -13.90 27.55 31.53
C ALA E 38 -14.46 26.91 30.27
N TYR E 39 -13.86 27.21 29.11
CA TYR E 39 -14.31 26.58 27.86
C TYR E 39 -14.04 25.08 27.88
N CYS E 40 -12.89 24.66 28.40
CA CYS E 40 -12.58 23.23 28.49
C CYS E 40 -13.52 22.52 29.47
N GLU E 41 -13.84 23.16 30.60
CA GLU E 41 -14.71 22.52 31.59
C GLU E 41 -16.16 22.48 31.11
N ALA E 42 -16.60 23.52 30.39
CA ALA E 42 -17.99 23.58 29.93
C ALA E 42 -18.31 22.50 28.91
N HIS E 43 -17.42 22.26 27.95
CA HIS E 43 -17.62 21.29 26.89
C HIS E 43 -16.94 19.96 27.18
N ALA E 44 -16.75 19.63 28.46
CA ALA E 44 -16.04 18.40 28.82
C ALA E 44 -16.88 17.16 28.54
N LYS E 45 -18.19 17.25 28.76
CA LYS E 45 -19.06 16.09 28.57
C LYS E 45 -19.38 15.83 27.10
N GLU E 46 -19.14 16.79 26.22
CA GLU E 46 -19.44 16.65 24.80
C GLU E 46 -18.24 16.17 23.99
N ASP E 47 -17.18 15.72 24.64
CA ASP E 47 -15.97 15.28 23.93
C ASP E 47 -15.87 13.77 23.98
N PRO E 48 -16.05 13.07 22.85
CA PRO E 48 -15.92 11.60 22.87
C PRO E 48 -14.49 11.10 23.07
N LEU E 49 -13.48 11.93 22.86
CA LEU E 49 -12.11 11.50 23.08
C LEU E 49 -11.66 11.68 24.52
N LEU E 50 -12.13 12.75 25.17
CA LEU E 50 -11.80 12.99 26.58
C LEU E 50 -12.46 11.94 27.46
N THR E 51 -13.77 11.77 27.34
CA THR E 51 -14.51 10.74 28.06
C THR E 51 -14.93 9.67 27.06
N PRO E 52 -14.54 8.42 27.27
CA PRO E 52 -14.90 7.36 26.31
C PRO E 52 -16.39 7.09 26.29
N VAL E 53 -16.96 7.07 25.08
CA VAL E 53 -18.38 6.86 24.88
C VAL E 53 -18.68 5.37 24.93
N PRO E 54 -19.91 4.94 25.23
CA PRO E 54 -20.22 3.51 25.17
C PRO E 54 -20.20 2.98 23.75
N ALA E 55 -20.07 1.65 23.65
CA ALA E 55 -19.94 0.98 22.36
C ALA E 55 -21.18 1.18 21.49
N SER E 56 -22.37 1.16 22.10
CA SER E 56 -23.61 1.34 21.35
C SER E 56 -23.68 2.70 20.67
N GLU E 57 -23.22 3.75 21.36
CA GLU E 57 -23.28 5.11 20.86
C GLU E 57 -22.10 5.50 19.99
N ASN E 58 -21.17 4.56 19.76
CA ASN E 58 -19.95 4.83 19.01
C ASN E 58 -20.13 4.36 17.57
N PRO E 59 -20.00 5.23 16.57
CA PRO E 59 -20.14 4.78 15.18
C PRO E 59 -19.01 3.86 14.72
N PHE E 60 -17.85 3.91 15.37
CA PHE E 60 -16.71 3.05 15.05
C PHE E 60 -16.67 1.83 15.96
N ARG E 61 -17.84 1.28 16.30
CA ARG E 61 -17.92 0.23 17.33
C ARG E 61 -17.24 -1.07 16.89
N GLU E 62 -17.32 -1.41 15.60
CA GLU E 62 -16.72 -2.66 15.13
C GLU E 62 -15.47 -2.39 14.31
N VAL F 1 -25.00 14.33 -21.02
CA VAL F 1 -25.65 13.13 -20.50
C VAL F 1 -26.84 12.78 -21.40
N GLN F 2 -26.68 11.72 -22.18
CA GLN F 2 -27.72 11.30 -23.11
C GLN F 2 -27.67 9.79 -23.25
N LEU F 3 -28.85 9.18 -23.31
CA LEU F 3 -29.04 7.74 -23.46
C LEU F 3 -30.02 7.50 -24.60
N VAL F 4 -29.54 7.00 -25.73
CA VAL F 4 -30.38 6.77 -26.89
C VAL F 4 -30.34 5.28 -27.20
N GLU F 5 -31.50 4.64 -27.16
CA GLU F 5 -31.59 3.20 -27.39
C GLU F 5 -32.55 2.89 -28.52
N SER F 6 -32.35 1.70 -29.11
CA SER F 6 -33.12 1.26 -30.25
C SER F 6 -33.21 -0.26 -30.22
N GLY F 7 -34.08 -0.79 -31.08
CA GLY F 7 -34.28 -2.22 -31.17
C GLY F 7 -35.71 -2.65 -30.89
N GLY F 8 -36.66 -1.74 -31.09
CA GLY F 8 -38.05 -2.00 -30.80
C GLY F 8 -38.84 -2.45 -32.01
N GLY F 9 -40.14 -2.22 -31.96
CA GLY F 9 -41.05 -2.55 -33.04
C GLY F 9 -41.85 -3.81 -32.79
N LEU F 10 -42.29 -4.41 -33.90
CA LEU F 10 -43.06 -5.64 -33.86
C LEU F 10 -42.13 -6.85 -33.73
N VAL F 11 -42.41 -7.71 -32.76
CA VAL F 11 -41.66 -8.94 -32.56
C VAL F 11 -42.65 -10.09 -32.52
N GLN F 12 -42.43 -11.11 -33.33
CA GLN F 12 -43.27 -12.30 -33.29
C GLN F 12 -42.97 -13.09 -32.00
N PRO F 13 -43.97 -13.82 -31.47
CA PRO F 13 -43.75 -14.58 -30.24
C PRO F 13 -42.77 -15.73 -30.45
N GLY F 14 -41.93 -15.94 -29.44
CA GLY F 14 -40.88 -16.94 -29.53
C GLY F 14 -39.61 -16.47 -30.21
N GLY F 15 -39.57 -15.24 -30.70
CA GLY F 15 -38.41 -14.73 -31.39
C GLY F 15 -37.37 -14.16 -30.45
N SER F 16 -36.30 -13.62 -31.04
CA SER F 16 -35.20 -13.03 -30.30
C SER F 16 -34.94 -11.63 -30.82
N ARG F 17 -34.70 -10.71 -29.90
CA ARG F 17 -34.46 -9.31 -30.24
C ARG F 17 -33.41 -8.72 -29.32
N LYS F 18 -32.53 -7.89 -29.86
CA LYS F 18 -31.48 -7.24 -29.09
C LYS F 18 -31.78 -5.75 -28.99
N LEU F 19 -31.83 -5.24 -27.76
CA LEU F 19 -31.99 -3.82 -27.50
C LEU F 19 -30.60 -3.23 -27.29
N SER F 20 -30.27 -2.21 -28.07
CA SER F 20 -28.96 -1.56 -28.02
C SER F 20 -29.10 -0.13 -27.54
N CYS F 21 -28.33 0.23 -26.52
CA CYS F 21 -28.35 1.57 -25.96
C CYS F 21 -26.96 2.19 -26.07
N SER F 22 -26.93 3.45 -26.47
CA SER F 22 -25.72 4.24 -26.66
C SER F 22 -25.75 5.38 -25.65
N ALA F 23 -24.69 5.47 -24.84
CA ALA F 23 -24.55 6.49 -23.82
C ALA F 23 -23.46 7.47 -24.19
N SER F 24 -23.80 8.75 -24.17
CA SER F 24 -22.84 9.80 -24.50
C SER F 24 -22.92 10.91 -23.48
N GLY F 25 -21.82 11.65 -23.33
CA GLY F 25 -21.76 12.80 -22.46
C GLY F 25 -21.41 12.51 -21.02
N PHE F 26 -21.14 11.25 -20.66
CA PHE F 26 -20.76 10.92 -19.30
C PHE F 26 -19.92 9.65 -19.30
N ALA F 27 -19.29 9.39 -18.15
CA ALA F 27 -18.49 8.18 -17.98
C ALA F 27 -19.41 6.99 -17.81
N PHE F 28 -19.37 6.07 -18.78
CA PHE F 28 -20.24 4.91 -18.79
C PHE F 28 -19.66 3.72 -18.06
N SER F 29 -18.33 3.63 -17.96
CA SER F 29 -17.70 2.46 -17.33
C SER F 29 -17.89 2.45 -15.83
N SER F 30 -18.08 3.62 -15.22
CA SER F 30 -18.20 3.73 -13.77
C SER F 30 -19.64 3.68 -13.28
N PHE F 31 -20.61 3.48 -14.17
CA PHE F 31 -22.03 3.49 -13.80
C PHE F 31 -22.63 2.10 -13.92
N GLY F 32 -23.36 1.70 -12.89
CA GLY F 32 -24.25 0.56 -13.03
C GLY F 32 -25.44 0.91 -13.91
N MET F 33 -25.89 -0.06 -14.69
CA MET F 33 -26.98 0.15 -15.63
C MET F 33 -28.16 -0.73 -15.27
N HIS F 34 -29.36 -0.23 -15.58
CA HIS F 34 -30.61 -0.91 -15.29
C HIS F 34 -31.51 -0.89 -16.51
N TRP F 35 -32.35 -1.91 -16.62
CA TRP F 35 -33.42 -1.98 -17.61
C TRP F 35 -34.73 -2.05 -16.86
N VAL F 36 -35.65 -1.13 -17.20
CA VAL F 36 -36.93 -0.98 -16.54
C VAL F 36 -38.02 -1.08 -17.61
N ARG F 37 -39.08 -1.85 -17.32
CA ARG F 37 -40.17 -2.05 -18.26
C ARG F 37 -41.42 -1.33 -17.77
N GLN F 38 -42.14 -0.69 -18.69
CA GLN F 38 -43.38 0.00 -18.37
C GLN F 38 -44.46 -0.35 -19.38
N ALA F 39 -45.52 -1.00 -18.89
CA ALA F 39 -46.68 -1.33 -19.71
C ALA F 39 -47.46 -0.06 -20.06
N PRO F 40 -48.25 -0.08 -21.14
CA PRO F 40 -49.04 1.12 -21.50
C PRO F 40 -50.11 1.49 -20.48
N GLU F 41 -50.60 0.54 -19.68
CA GLU F 41 -51.59 0.82 -18.67
C GLU F 41 -51.06 0.63 -17.25
N LYS F 42 -50.00 -0.13 -17.07
CA LYS F 42 -49.49 -0.45 -15.75
C LYS F 42 -48.27 0.40 -15.43
N GLY F 43 -47.71 0.18 -14.25
CA GLY F 43 -46.56 0.94 -13.79
C GLY F 43 -45.24 0.37 -14.23
N LEU F 44 -44.17 1.00 -13.72
CA LEU F 44 -42.80 0.58 -14.01
C LEU F 44 -42.53 -0.78 -13.39
N GLU F 45 -41.86 -1.66 -14.14
CA GLU F 45 -41.45 -2.95 -13.64
C GLU F 45 -39.97 -3.16 -13.94
N TRP F 46 -39.21 -3.47 -12.91
CA TRP F 46 -37.76 -3.67 -13.04
C TRP F 46 -37.46 -4.95 -13.81
N VAL F 47 -36.46 -4.90 -14.69
CA VAL F 47 -36.08 -6.04 -15.51
C VAL F 47 -34.67 -6.53 -15.20
N ALA F 48 -33.68 -5.64 -15.24
CA ALA F 48 -32.33 -6.16 -15.04
C ALA F 48 -31.37 -5.09 -14.53
N TYR F 49 -30.20 -5.55 -14.06
CA TYR F 49 -29.14 -4.70 -13.55
C TYR F 49 -27.77 -5.32 -13.78
N ILE F 50 -26.85 -4.50 -14.27
CA ILE F 50 -25.45 -4.88 -14.45
C ILE F 50 -24.61 -3.79 -13.77
N SER F 51 -23.53 -4.19 -13.12
CA SER F 51 -22.73 -3.22 -12.37
C SER F 51 -21.63 -2.63 -13.25
N SER F 52 -20.71 -1.90 -12.63
CA SER F 52 -19.66 -1.21 -13.38
C SER F 52 -18.61 -2.19 -13.88
N GLY F 53 -18.26 -3.19 -13.08
CA GLY F 53 -17.22 -4.12 -13.46
C GLY F 53 -17.74 -5.38 -14.13
N SER F 54 -18.97 -5.31 -14.65
CA SER F 54 -19.68 -6.41 -15.32
C SER F 54 -19.81 -7.63 -14.41
N GLY F 55 -20.02 -7.38 -13.13
CA GLY F 55 -20.28 -8.42 -12.13
C GLY F 55 -21.59 -8.08 -11.43
N THR F 56 -22.02 -8.99 -10.55
CA THR F 56 -23.27 -8.88 -9.77
C THR F 56 -24.49 -8.63 -10.66
N ILE F 57 -24.57 -9.37 -11.76
CA ILE F 57 -25.67 -9.25 -12.70
C ILE F 57 -26.94 -9.81 -12.07
N TYR F 58 -27.97 -8.97 -11.95
CA TYR F 58 -29.21 -9.34 -11.29
C TYR F 58 -30.37 -9.23 -12.26
N TYR F 59 -31.32 -10.17 -12.13
CA TYR F 59 -32.49 -10.24 -12.98
C TYR F 59 -33.74 -10.29 -12.12
N ALA F 60 -34.87 -9.95 -12.74
CA ALA F 60 -36.15 -10.17 -12.11
C ALA F 60 -36.49 -11.67 -12.13
N ASP F 61 -37.47 -12.05 -11.32
CA ASP F 61 -37.87 -13.44 -11.23
C ASP F 61 -38.57 -13.90 -12.51
N THR F 62 -39.31 -13.00 -13.17
CA THR F 62 -40.05 -13.37 -14.35
C THR F 62 -39.18 -13.50 -15.60
N VAL F 63 -37.95 -12.97 -15.58
CA VAL F 63 -37.07 -12.96 -16.74
C VAL F 63 -35.75 -13.67 -16.48
N LYS F 64 -35.63 -14.37 -15.36
CA LYS F 64 -34.38 -15.03 -15.00
C LYS F 64 -34.10 -16.20 -15.93
N GLY F 65 -32.94 -16.17 -16.59
CA GLY F 65 -32.55 -17.20 -17.51
C GLY F 65 -33.13 -17.07 -18.90
N ARG F 66 -33.95 -16.05 -19.15
CA ARG F 66 -34.56 -15.82 -20.44
C ARG F 66 -34.01 -14.58 -21.13
N PHE F 67 -33.45 -13.62 -20.39
CA PHE F 67 -32.88 -12.40 -20.92
C PHE F 67 -31.43 -12.33 -20.45
N THR F 68 -30.51 -11.98 -21.35
CA THR F 68 -29.11 -11.82 -20.97
C THR F 68 -28.70 -10.37 -21.21
N ILE F 69 -28.07 -9.77 -20.21
CA ILE F 69 -27.65 -8.37 -20.24
C ILE F 69 -26.13 -8.29 -20.27
N SER F 70 -25.60 -7.47 -21.18
CA SER F 70 -24.16 -7.31 -21.32
C SER F 70 -23.87 -5.87 -21.70
N ARG F 71 -22.60 -5.47 -21.57
CA ARG F 71 -22.20 -4.11 -21.90
C ARG F 71 -20.81 -4.10 -22.53
N ASP F 72 -20.50 -2.98 -23.17
CA ASP F 72 -19.22 -2.75 -23.83
C ASP F 72 -18.78 -1.33 -23.45
N ASP F 73 -17.83 -1.25 -22.53
CA ASP F 73 -17.30 0.00 -22.03
C ASP F 73 -16.46 0.82 -23.03
N PRO F 74 -15.60 0.23 -23.89
CA PRO F 74 -14.95 1.11 -24.90
C PRO F 74 -15.91 1.67 -25.93
N LYS F 75 -16.90 0.89 -26.36
CA LYS F 75 -17.89 1.39 -27.30
C LYS F 75 -19.03 2.13 -26.63
N ASN F 76 -19.09 2.10 -25.29
CA ASN F 76 -20.10 2.78 -24.47
C ASN F 76 -21.53 2.36 -24.84
N THR F 77 -21.77 1.05 -24.86
CA THR F 77 -23.06 0.55 -25.29
C THR F 77 -23.55 -0.60 -24.40
N LEU F 78 -24.83 -0.56 -24.08
CA LEU F 78 -25.50 -1.56 -23.26
C LEU F 78 -26.47 -2.39 -24.10
N PHE F 79 -26.34 -3.71 -24.05
CA PHE F 79 -27.20 -4.55 -24.87
C PHE F 79 -28.00 -5.52 -24.00
N LEU F 80 -29.29 -5.65 -24.32
CA LEU F 80 -30.14 -6.65 -23.68
C LEU F 80 -30.63 -7.62 -24.76
N GLN F 81 -30.28 -8.89 -24.61
CA GLN F 81 -30.69 -9.92 -25.57
C GLN F 81 -31.91 -10.61 -25.01
N MET F 82 -33.04 -10.49 -25.69
CA MET F 82 -34.31 -11.04 -25.27
C MET F 82 -34.62 -12.26 -26.14
N THR F 83 -34.91 -13.38 -25.50
CA THR F 83 -35.29 -14.60 -26.19
C THR F 83 -36.68 -15.05 -25.71
N SER F 84 -37.38 -15.75 -26.60
CA SER F 84 -38.68 -16.38 -26.36
C SER F 84 -39.70 -15.44 -25.72
N LEU F 85 -40.01 -14.37 -26.46
CA LEU F 85 -40.89 -13.34 -25.93
C LEU F 85 -42.35 -13.78 -25.94
N ARG F 86 -43.01 -13.63 -24.80
CA ARG F 86 -44.45 -13.88 -24.73
C ARG F 86 -45.20 -12.57 -25.00
N SER F 87 -46.51 -12.59 -24.78
CA SER F 87 -47.35 -11.41 -24.99
C SER F 87 -47.41 -10.50 -23.77
N GLU F 88 -46.61 -10.76 -22.73
CA GLU F 88 -46.55 -9.92 -21.56
C GLU F 88 -45.41 -8.91 -21.63
N ASP F 89 -44.61 -8.93 -22.69
CA ASP F 89 -43.46 -8.04 -22.82
C ASP F 89 -43.71 -6.90 -23.81
N THR F 90 -44.97 -6.64 -24.18
CA THR F 90 -45.31 -5.59 -25.14
C THR F 90 -45.37 -4.24 -24.43
N ALA F 91 -44.19 -3.75 -24.07
CA ALA F 91 -44.11 -2.59 -23.20
C ALA F 91 -42.87 -1.76 -23.50
N MET F 92 -42.88 -0.51 -23.05
CA MET F 92 -41.74 0.38 -23.25
C MET F 92 -40.56 -0.04 -22.39
N TYR F 93 -39.36 0.06 -22.94
CA TYR F 93 -38.13 -0.28 -22.21
C TYR F 93 -37.28 0.97 -22.00
N TYR F 94 -36.89 1.20 -20.74
CA TYR F 94 -36.09 2.36 -20.33
C TYR F 94 -34.74 1.92 -19.81
N CYS F 95 -33.70 2.66 -20.19
CA CYS F 95 -32.33 2.45 -19.75
C CYS F 95 -32.03 3.47 -18.65
N VAL F 96 -31.71 2.99 -17.45
CA VAL F 96 -31.45 3.87 -16.30
C VAL F 96 -30.00 3.71 -15.86
N ARG F 97 -29.38 4.83 -15.47
CA ARG F 97 -27.98 4.84 -15.01
C ARG F 97 -27.98 5.14 -13.51
N SER F 98 -27.31 4.29 -12.73
CA SER F 98 -27.20 4.46 -11.30
C SER F 98 -25.75 4.24 -10.85
N ILE F 99 -25.23 5.16 -10.05
CA ILE F 99 -23.92 5.02 -9.42
C ILE F 99 -24.14 4.92 -7.92
N TYR F 100 -23.46 3.97 -7.28
CA TYR F 100 -23.64 3.71 -5.86
C TYR F 100 -22.37 4.04 -5.09
N TYR F 101 -22.45 5.06 -4.24
CA TYR F 101 -21.44 5.41 -3.27
C TYR F 101 -22.13 6.26 -2.21
N TYR F 102 -21.39 6.56 -1.13
CA TYR F 102 -21.95 7.36 -0.05
C TYR F 102 -22.31 8.75 -0.53
N GLY F 103 -23.58 9.12 -0.36
CA GLY F 103 -24.08 10.40 -0.80
C GLY F 103 -24.41 10.49 -2.28
N SER F 104 -24.37 9.38 -3.01
CA SER F 104 -24.66 9.40 -4.43
C SER F 104 -26.17 9.53 -4.68
N SER F 105 -26.52 9.77 -5.93
CA SER F 105 -27.91 9.88 -6.37
C SER F 105 -28.15 8.86 -7.48
N PRO F 106 -28.36 7.59 -7.14
CA PRO F 106 -28.66 6.58 -8.16
C PRO F 106 -30.03 6.79 -8.78
N PHE F 107 -30.21 6.20 -9.97
CA PHE F 107 -31.44 6.31 -10.78
C PHE F 107 -31.71 7.76 -11.18
N ASP F 108 -30.64 8.53 -11.37
CA ASP F 108 -30.78 9.96 -11.63
C ASP F 108 -31.28 10.25 -13.04
N PHE F 109 -30.75 9.55 -14.05
CA PHE F 109 -31.08 9.85 -15.43
C PHE F 109 -31.71 8.63 -16.10
N TRP F 110 -32.78 8.88 -16.85
CA TRP F 110 -33.56 7.86 -17.54
C TRP F 110 -33.49 8.07 -19.04
N GLY F 111 -33.50 6.99 -19.79
CA GLY F 111 -33.51 7.08 -21.23
C GLY F 111 -34.89 7.38 -21.77
N GLN F 112 -34.97 7.53 -23.09
CA GLN F 112 -36.26 7.82 -23.71
C GLN F 112 -37.12 6.57 -23.83
N GLY F 113 -36.50 5.42 -24.04
CA GLY F 113 -37.22 4.16 -24.09
C GLY F 113 -37.62 3.76 -25.50
N THR F 114 -37.82 2.46 -25.68
CA THR F 114 -38.20 1.87 -26.96
C THR F 114 -39.46 1.05 -26.79
N THR F 115 -40.43 1.29 -27.67
CA THR F 115 -41.63 0.45 -27.69
C THR F 115 -41.30 -0.90 -28.30
N LEU F 116 -41.66 -1.97 -27.60
CA LEU F 116 -41.57 -3.33 -28.13
C LEU F 116 -42.95 -3.95 -28.01
N THR F 117 -43.52 -4.38 -29.13
CA THR F 117 -44.85 -4.96 -29.14
C THR F 117 -44.78 -6.39 -29.67
N VAL F 118 -45.38 -7.31 -28.94
CA VAL F 118 -45.45 -8.72 -29.33
C VAL F 118 -46.86 -8.97 -29.85
N SER F 119 -46.96 -9.48 -31.08
CA SER F 119 -48.25 -9.73 -31.70
C SER F 119 -49.01 -10.85 -30.97
N ALA F 120 -50.32 -10.67 -30.84
CA ALA F 120 -51.16 -11.65 -30.17
C ALA F 120 -51.81 -12.59 -31.18
N SER F 135 -43.81 -14.56 -5.45
CA SER F 135 -43.82 -13.84 -4.18
C SER F 135 -42.40 -13.70 -3.63
N ALA F 136 -42.30 -13.67 -2.29
CA ALA F 136 -41.04 -13.52 -1.55
C ALA F 136 -40.28 -12.26 -1.93
N ASP F 137 -41.02 -11.17 -2.12
CA ASP F 137 -40.43 -9.89 -2.49
C ASP F 137 -41.16 -8.77 -1.77
N ILE F 138 -40.50 -7.61 -1.71
CA ILE F 138 -41.06 -6.44 -1.03
C ILE F 138 -42.07 -5.79 -1.96
N VAL F 139 -43.31 -5.65 -1.50
CA VAL F 139 -44.36 -5.07 -2.31
C VAL F 139 -44.66 -3.66 -1.79
N MET F 140 -45.20 -2.84 -2.67
CA MET F 140 -45.58 -1.47 -2.34
C MET F 140 -47.09 -1.34 -2.48
N THR F 141 -47.72 -0.79 -1.46
CA THR F 141 -49.16 -0.59 -1.42
C THR F 141 -49.49 0.88 -1.58
N GLN F 142 -50.42 1.18 -2.47
CA GLN F 142 -50.85 2.54 -2.76
C GLN F 142 -52.31 2.70 -2.35
N ALA F 143 -52.61 3.79 -1.65
CA ALA F 143 -53.98 4.00 -1.15
C ALA F 143 -54.93 4.39 -2.28
N THR F 144 -54.57 5.40 -3.07
CA THR F 144 -55.42 5.89 -4.13
C THR F 144 -54.60 6.14 -5.38
N SER F 145 -55.24 5.96 -6.54
CA SER F 145 -54.55 5.99 -7.82
C SER F 145 -54.65 7.33 -8.55
N SER F 146 -55.75 8.05 -8.38
CA SER F 146 -55.91 9.33 -9.06
C SER F 146 -56.55 10.33 -8.10
N VAL F 147 -55.95 11.51 -7.99
CA VAL F 147 -56.48 12.59 -7.15
C VAL F 147 -56.61 13.86 -7.97
N PRO F 148 -57.64 14.66 -7.75
CA PRO F 148 -57.72 15.99 -8.39
C PRO F 148 -56.88 17.00 -7.61
N VAL F 149 -56.09 17.78 -8.33
CA VAL F 149 -55.24 18.81 -7.72
C VAL F 149 -55.41 20.10 -8.50
N THR F 150 -55.37 21.22 -7.79
CA THR F 150 -55.43 22.57 -8.34
C THR F 150 -54.06 23.23 -8.25
N PRO F 151 -53.73 24.15 -9.16
CA PRO F 151 -52.44 24.84 -9.07
C PRO F 151 -52.37 25.78 -7.87
N GLY F 152 -51.19 25.82 -7.24
CA GLY F 152 -50.97 26.63 -6.08
C GLY F 152 -51.31 26.00 -4.76
N GLU F 153 -51.78 24.75 -4.76
CA GLU F 153 -52.17 24.06 -3.54
C GLU F 153 -51.10 23.05 -3.13
N SER F 154 -51.23 22.58 -1.89
CA SER F 154 -50.31 21.60 -1.32
C SER F 154 -51.00 20.24 -1.28
N VAL F 155 -50.32 19.22 -1.76
CA VAL F 155 -50.89 17.87 -1.83
C VAL F 155 -49.86 16.87 -1.30
N SER F 156 -50.34 15.90 -0.51
CA SER F 156 -49.50 14.88 0.08
C SER F 156 -49.96 13.52 -0.43
N ILE F 157 -49.02 12.69 -0.87
CA ILE F 157 -49.28 11.36 -1.39
C ILE F 157 -48.54 10.36 -0.52
N SER F 158 -49.27 9.34 -0.05
CA SER F 158 -48.77 8.36 0.90
C SER F 158 -48.70 6.97 0.26
N CYS F 159 -47.63 6.25 0.58
CA CYS F 159 -47.43 4.87 0.14
C CYS F 159 -46.98 4.03 1.33
N ARG F 160 -47.19 2.72 1.23
CA ARG F 160 -46.85 1.81 2.31
C ARG F 160 -45.98 0.67 1.79
N SER F 161 -45.15 0.13 2.68
CA SER F 161 -44.26 -0.97 2.35
C SER F 161 -44.58 -2.17 3.23
N SER F 162 -44.44 -3.37 2.67
CA SER F 162 -44.72 -4.59 3.43
C SER F 162 -43.65 -4.89 4.46
N LYS F 163 -42.43 -4.37 4.29
CA LYS F 163 -41.34 -4.55 5.23
C LYS F 163 -40.78 -3.18 5.57
N SER F 164 -40.32 -3.03 6.81
CA SER F 164 -39.66 -1.81 7.24
C SER F 164 -38.34 -1.63 6.49
N LEU F 165 -38.21 -0.53 5.76
CA LEU F 165 -37.06 -0.28 4.89
C LEU F 165 -35.91 0.41 5.61
N LEU F 166 -36.02 0.61 6.92
CA LEU F 166 -34.97 1.26 7.69
C LEU F 166 -33.91 0.20 8.01
N HIS F 167 -32.81 0.23 7.27
CA HIS F 167 -31.71 -0.68 7.51
C HIS F 167 -30.95 -0.25 8.78
N SER F 168 -30.10 -1.14 9.28
CA SER F 168 -29.38 -0.89 10.52
C SER F 168 -28.35 0.24 10.42
N ASN F 169 -27.94 0.62 9.20
CA ASN F 169 -27.00 1.72 9.04
C ASN F 169 -27.67 3.09 9.03
N GLY F 170 -28.99 3.16 9.21
CA GLY F 170 -29.69 4.41 9.36
C GLY F 170 -30.24 5.01 8.08
N ASN F 171 -30.17 4.29 6.96
CA ASN F 171 -30.66 4.78 5.68
C ASN F 171 -31.94 4.04 5.30
N THR F 172 -32.99 4.78 5.01
CA THR F 172 -34.23 4.22 4.50
C THR F 172 -34.23 4.34 2.98
N TYR F 173 -34.44 3.22 2.30
CA TYR F 173 -34.21 3.12 0.86
C TYR F 173 -35.55 3.28 0.15
N LEU F 174 -35.89 4.52 -0.18
CA LEU F 174 -37.10 4.84 -0.93
C LEU F 174 -36.76 5.90 -1.97
N TYR F 175 -37.27 5.71 -3.19
CA TYR F 175 -37.00 6.60 -4.31
C TYR F 175 -38.33 7.04 -4.90
N TRP F 176 -38.41 8.31 -5.32
CA TRP F 176 -39.61 8.86 -5.94
C TRP F 176 -39.29 9.33 -7.35
N PHE F 177 -40.14 8.92 -8.30
CA PHE F 177 -39.97 9.23 -9.70
C PHE F 177 -41.21 9.94 -10.23
N LEU F 178 -41.00 10.93 -11.09
CA LEU F 178 -42.06 11.68 -11.76
C LEU F 178 -42.02 11.39 -13.25
N GLN F 179 -43.14 10.91 -13.78
CA GLN F 179 -43.28 10.64 -15.21
C GLN F 179 -44.36 11.56 -15.75
N ARG F 180 -43.93 12.65 -16.39
CA ARG F 180 -44.83 13.52 -17.10
C ARG F 180 -45.33 12.81 -18.35
N PRO F 181 -46.54 13.13 -18.82
CA PRO F 181 -47.08 12.45 -20.02
C PRO F 181 -46.30 12.82 -21.27
N GLY F 182 -45.75 11.81 -21.92
CA GLY F 182 -44.91 12.02 -23.09
C GLY F 182 -43.46 12.31 -22.78
N GLN F 183 -42.99 12.01 -21.58
CA GLN F 183 -41.63 12.31 -21.17
C GLN F 183 -41.13 11.19 -20.27
N SER F 184 -39.81 11.02 -20.23
CA SER F 184 -39.17 10.00 -19.43
C SER F 184 -39.34 10.27 -17.93
N PRO F 185 -39.24 9.24 -17.09
CA PRO F 185 -39.27 9.47 -15.64
C PRO F 185 -38.06 10.24 -15.15
N GLN F 186 -38.28 11.04 -14.11
CA GLN F 186 -37.23 11.85 -13.51
C GLN F 186 -37.19 11.61 -12.01
N LEU F 187 -35.99 11.48 -11.46
CA LEU F 187 -35.84 11.26 -10.03
C LEU F 187 -36.11 12.55 -9.28
N LEU F 188 -36.99 12.48 -8.29
CA LEU F 188 -37.32 13.64 -7.46
C LEU F 188 -36.62 13.59 -6.11
N ILE F 189 -36.86 12.53 -5.33
CA ILE F 189 -36.32 12.39 -3.99
C ILE F 189 -35.70 11.01 -3.86
N TYR F 190 -34.47 10.96 -3.35
CA TYR F 190 -33.77 9.70 -3.13
C TYR F 190 -33.49 9.54 -1.63
N ARG F 191 -33.69 8.30 -1.16
CA ARG F 191 -33.57 7.90 0.25
C ARG F 191 -34.53 8.66 1.16
N MET F 192 -35.69 9.04 0.61
CA MET F 192 -36.92 9.61 1.18
C MET F 192 -36.74 11.00 1.78
N SER F 193 -35.53 11.53 1.85
CA SER F 193 -35.28 12.87 2.37
C SER F 193 -34.56 13.77 1.37
N ASN F 194 -33.50 13.25 0.74
CA ASN F 194 -32.63 14.08 -0.07
C ASN F 194 -33.28 14.41 -1.41
N LEU F 195 -33.12 15.65 -1.85
CA LEU F 195 -33.58 16.07 -3.17
C LEU F 195 -32.51 15.80 -4.21
N ALA F 196 -32.94 15.61 -5.45
CA ALA F 196 -32.03 15.32 -6.54
C ALA F 196 -31.59 16.61 -7.22
N SER F 197 -30.62 16.49 -8.11
CA SER F 197 -30.10 17.64 -8.83
C SER F 197 -31.11 18.12 -9.87
N GLY F 198 -31.39 19.43 -9.86
CA GLY F 198 -32.37 20.01 -10.74
C GLY F 198 -33.79 19.99 -10.21
N VAL F 199 -34.03 19.34 -9.09
CA VAL F 199 -35.36 19.26 -8.49
C VAL F 199 -35.57 20.50 -7.63
N PRO F 200 -36.68 21.22 -7.79
CA PRO F 200 -36.92 22.41 -6.97
C PRO F 200 -37.20 22.05 -5.51
N ASP F 201 -37.05 23.05 -4.65
CA ASP F 201 -37.03 22.84 -3.21
C ASP F 201 -38.41 22.62 -2.60
N ARG F 202 -39.49 22.78 -3.36
CA ARG F 202 -40.82 22.63 -2.77
C ARG F 202 -41.23 21.19 -2.57
N PHE F 203 -40.59 20.25 -3.26
CA PHE F 203 -40.85 18.83 -3.01
C PHE F 203 -40.20 18.41 -1.71
N SER F 204 -40.89 17.58 -0.94
CA SER F 204 -40.29 17.08 0.29
C SER F 204 -40.84 15.69 0.59
N GLY F 205 -40.09 14.95 1.40
CA GLY F 205 -40.49 13.60 1.75
C GLY F 205 -40.25 13.33 3.22
N SER F 206 -41.06 12.42 3.76
CA SER F 206 -40.98 12.05 5.17
C SER F 206 -41.49 10.62 5.33
N GLY F 207 -41.16 10.03 6.47
CA GLY F 207 -41.61 8.68 6.74
C GLY F 207 -40.92 8.12 7.97
N SER F 208 -41.33 6.90 8.32
CA SER F 208 -40.82 6.22 9.50
C SER F 208 -40.31 4.81 9.24
N GLY F 209 -40.59 4.23 8.08
CA GLY F 209 -40.15 2.89 7.78
C GLY F 209 -41.21 2.08 7.06
N THR F 210 -42.48 2.40 7.31
CA THR F 210 -43.58 1.76 6.62
C THR F 210 -44.42 2.75 5.83
N ALA F 211 -44.92 3.81 6.46
CA ALA F 211 -45.73 4.81 5.78
C ALA F 211 -44.83 5.95 5.33
N PHE F 212 -44.91 6.29 4.05
CA PHE F 212 -44.05 7.28 3.42
C PHE F 212 -44.91 8.34 2.75
N THR F 213 -44.63 9.61 3.03
CA THR F 213 -45.42 10.73 2.50
C THR F 213 -44.54 11.69 1.70
N LEU F 214 -44.97 12.02 0.49
CA LEU F 214 -44.36 13.07 -0.30
C LEU F 214 -45.31 14.26 -0.30
N THR F 215 -44.79 15.44 0.03
CA THR F 215 -45.56 16.66 0.08
C THR F 215 -45.07 17.66 -0.96
N ILE F 216 -46.04 18.27 -1.65
CA ILE F 216 -45.80 19.31 -2.64
C ILE F 216 -46.51 20.56 -2.14
N SER F 217 -45.73 21.61 -1.90
CA SER F 217 -46.28 22.92 -1.53
C SER F 217 -46.12 23.86 -2.70
N ARG F 218 -47.16 24.67 -2.95
CA ARG F 218 -47.23 25.62 -4.07
C ARG F 218 -47.02 24.90 -5.40
N LEU F 219 -47.96 24.02 -5.72
CA LEU F 219 -47.84 23.18 -6.91
C LEU F 219 -47.98 24.00 -8.18
N GLU F 220 -47.15 23.68 -9.16
CA GLU F 220 -47.09 24.36 -10.44
C GLU F 220 -47.65 23.42 -11.51
N ALA F 221 -48.03 23.99 -12.66
CA ALA F 221 -48.59 23.20 -13.75
C ALA F 221 -47.59 22.23 -14.37
N GLU F 222 -46.30 22.44 -14.15
CA GLU F 222 -45.28 21.54 -14.70
C GLU F 222 -45.10 20.27 -13.87
N ASP F 223 -45.75 20.18 -12.71
CA ASP F 223 -45.64 19.01 -11.84
C ASP F 223 -46.71 17.96 -12.11
N VAL F 224 -47.50 18.13 -13.16
CA VAL F 224 -48.57 17.19 -13.48
C VAL F 224 -47.95 15.94 -14.10
N GLY F 225 -48.22 14.78 -13.51
CA GLY F 225 -47.66 13.54 -14.00
C GLY F 225 -48.04 12.39 -13.10
N VAL F 226 -47.25 11.31 -13.19
CA VAL F 226 -47.48 10.11 -12.38
C VAL F 226 -46.29 9.95 -11.45
N TYR F 227 -46.58 9.74 -10.16
CA TYR F 227 -45.56 9.57 -9.14
C TYR F 227 -45.39 8.09 -8.80
N TYR F 228 -44.16 7.61 -8.85
CA TYR F 228 -43.85 6.21 -8.58
C TYR F 228 -42.91 6.13 -7.39
N CYS F 229 -43.16 5.16 -6.51
CA CYS F 229 -42.31 4.90 -5.36
C CYS F 229 -41.59 3.56 -5.54
N MET F 230 -40.30 3.54 -5.25
CA MET F 230 -39.51 2.34 -5.43
C MET F 230 -38.72 2.08 -4.16
N GLN F 231 -38.36 0.81 -3.97
CA GLN F 231 -37.55 0.39 -2.86
C GLN F 231 -36.22 0.02 -3.38
N HIS F 232 -35.20 -0.01 -2.55
CA HIS F 232 -33.90 -0.48 -2.96
C HIS F 232 -33.25 -1.14 -1.78
N LEU F 233 -33.91 -2.06 -1.10
CA LEU F 233 -33.26 -2.69 0.00
C LEU F 233 -32.76 -3.97 -0.52
N GLU F 234 -33.55 -4.62 -1.33
CA GLU F 234 -33.18 -5.93 -1.82
C GLU F 234 -33.70 -6.02 -3.19
N TYR F 235 -33.25 -6.99 -3.96
CA TYR F 235 -33.65 -7.07 -5.33
C TYR F 235 -34.82 -8.02 -5.66
N LEU F 237 -36.24 -5.04 -6.99
CA LEU F 237 -36.60 -3.67 -6.88
C LEU F 237 -37.99 -3.59 -7.36
N THR F 238 -38.89 -3.01 -6.60
CA THR F 238 -40.26 -3.01 -6.96
C THR F 238 -40.90 -1.68 -6.92
N PHE F 239 -41.65 -1.33 -7.95
CA PHE F 239 -42.26 -0.01 -8.03
C PHE F 239 -43.67 -0.03 -7.47
N GLY F 240 -44.20 1.17 -7.22
CA GLY F 240 -45.60 1.31 -6.88
C GLY F 240 -46.47 1.28 -8.12
N ALA F 241 -47.79 1.32 -7.88
CA ALA F 241 -48.73 1.32 -9.00
C ALA F 241 -48.76 2.67 -9.70
N GLY F 242 -48.57 3.76 -8.97
CA GLY F 242 -48.48 5.08 -9.58
C GLY F 242 -49.69 5.93 -9.23
N THR F 243 -49.44 7.20 -8.95
CA THR F 243 -50.49 8.16 -8.60
C THR F 243 -50.58 9.22 -9.69
N LYS F 244 -51.71 9.26 -10.37
CA LYS F 244 -51.92 10.22 -11.47
C LYS F 244 -52.55 11.49 -10.91
N LEU F 245 -51.98 12.63 -11.29
CA LEU F 245 -52.45 13.93 -10.84
C LEU F 245 -53.19 14.61 -11.99
N GLU F 246 -54.40 15.06 -11.73
CA GLU F 246 -55.23 15.71 -12.74
C GLU F 246 -55.55 17.13 -12.31
N LEU F 247 -55.79 18.00 -13.29
CA LEU F 247 -56.10 19.39 -13.03
C LEU F 247 -57.50 19.54 -12.43
#